data_3OI7
#
_entry.id   3OI7
#
_cell.length_a   58.559
_cell.length_b   74.945
_cell.length_c   83.615
_cell.angle_alpha   90.04
_cell.angle_beta   89.92
_cell.angle_gamma   77.22
#
_symmetry.space_group_name_H-M   'P 1'
#
loop_
_entity.id
_entity.type
_entity.pdbx_description
1 polymer 'Uncharacterized protein YKR043C'
2 non-polymer 1,7-di-O-phosphono-beta-D-altro-hept-2-ulofuranose
3 non-polymer 'MAGNESIUM ION'
4 non-polymer 'SODIUM ION'
5 non-polymer 1,2-ETHANEDIOL
6 non-polymer GLYCEROL
7 water water
#
_entity_poly.entity_id   1
_entity_poly.type   'polypeptide(L)'
_entity_poly.pdbx_seq_one_letter_code
;(MSE)GSSHHHHHHSSGRENLYFQG(MSE)PSLTPRCIIVRAGQTEWSKSGQYTGLTDLPLTPYGEGQ(MSE)LRTGESV
FRNNQFLNPDNITYIFTSPRLRARQTVDLVLKPLSDEQRAKIRVVVDDDLREWEYGDYEG(MSE)LTREIIELRKSRGLD
KERPWNIWRDGCENGETTQQIGLRLSRAIARIQNLHRKHQSEGRASDI(MSE)VFAHGHALRYFAAIWFGLGVQKKCETI
EEIQNVKSYDDDTVPYVKLESYRHLVDNPCFLLDAGGIGVLSYAHHNIDEPALELAGPFVSPPEEESQHGDV
;
_entity_poly.pdbx_strand_id   A,B,C,D
#
loop_
_chem_comp.id
_chem_comp.type
_chem_comp.name
_chem_comp.formula
EDO non-polymer 1,2-ETHANEDIOL 'C2 H6 O2'
GOL non-polymer GLYCEROL 'C3 H8 O3'
MG non-polymer 'MAGNESIUM ION' 'Mg 2'
NA non-polymer 'SODIUM ION' 'Na 1'
OI7 D-saccharide, beta linking 1,7-di-O-phosphono-beta-D-altro-hept-2-ulofuranose 'C7 H16 O13 P2'
#
# COMPACT_ATOMS: atom_id res chain seq x y z
N LEU A 25 11.83 -17.23 11.93
CA LEU A 25 11.98 -16.08 12.86
C LEU A 25 13.41 -15.57 12.82
N THR A 26 13.58 -14.25 12.83
CA THR A 26 14.91 -13.65 12.94
C THR A 26 15.57 -14.13 14.23
N PRO A 27 16.79 -14.69 14.11
CA PRO A 27 17.55 -15.12 15.27
C PRO A 27 17.82 -13.98 16.25
N ARG A 28 17.84 -14.30 17.53
CA ARG A 28 18.06 -13.32 18.58
C ARG A 28 19.12 -13.79 19.56
N CYS A 29 19.78 -12.84 20.19
CA CYS A 29 20.62 -13.10 21.34
C CYS A 29 19.90 -12.50 22.54
N ILE A 30 19.52 -13.34 23.50
CA ILE A 30 18.87 -12.88 24.72
C ILE A 30 19.89 -12.75 25.84
N ILE A 31 20.13 -11.52 26.30
CA ILE A 31 21.12 -11.31 27.36
C ILE A 31 20.46 -11.26 28.75
N VAL A 32 21.06 -11.95 29.72
CA VAL A 32 20.52 -11.99 31.06
C VAL A 32 21.64 -11.71 32.06
N ARG A 33 21.43 -10.69 32.91
CA ARG A 33 22.34 -10.42 34.01
C ARG A 33 22.01 -11.27 35.22
N ALA A 34 23.04 -11.84 35.83
CA ALA A 34 22.90 -12.61 37.04
C ALA A 34 21.98 -11.90 38.03
N GLY A 35 21.21 -12.64 38.80
CA GLY A 35 20.38 -12.03 39.83
C GLY A 35 21.18 -11.39 40.94
N GLN A 36 20.50 -10.85 41.91
CA GLN A 36 21.08 -10.08 43.00
C GLN A 36 22.11 -10.86 43.81
N THR A 37 23.20 -10.19 44.19
CA THR A 37 24.14 -10.74 45.15
C THR A 37 24.34 -9.73 46.31
N GLU A 38 25.13 -10.14 47.30
CA GLU A 38 25.48 -9.27 48.42
C GLU A 38 26.14 -7.98 47.93
N TRP A 39 27.08 -8.13 46.97
CA TRP A 39 27.80 -7.02 46.37
C TRP A 39 26.97 -6.21 45.39
N SER A 40 26.17 -6.88 44.58
CA SER A 40 25.41 -6.19 43.52
C SER A 40 24.38 -5.27 44.13
N LYS A 41 23.78 -5.70 45.23
CA LYS A 41 22.79 -4.89 45.92
C LYS A 41 23.40 -3.71 46.68
N SER A 42 24.62 -3.88 47.19
CA SER A 42 25.32 -2.79 47.85
C SER A 42 26.19 -1.92 46.92
N GLY A 43 26.27 -2.27 45.63
CA GLY A 43 27.05 -1.51 44.63
C GLY A 43 28.54 -1.82 44.50
N GLN A 44 28.97 -2.91 45.11
CA GLN A 44 30.39 -3.32 45.20
C GLN A 44 30.77 -4.09 43.93
N TYR A 45 31.97 -3.86 43.41
CA TYR A 45 32.29 -4.38 42.08
C TYR A 45 32.63 -5.88 42.16
N THR A 46 31.83 -6.72 41.51
CA THR A 46 32.05 -8.16 41.52
C THR A 46 32.54 -8.61 40.17
N GLY A 47 33.77 -9.10 40.15
CA GLY A 47 34.33 -9.64 38.93
C GLY A 47 34.50 -11.12 39.16
N LEU A 48 35.73 -11.47 39.52
CA LEU A 48 36.16 -12.83 39.70
C LEU A 48 35.63 -13.42 41.00
N THR A 49 35.34 -12.57 41.98
CA THR A 49 34.84 -13.08 43.25
C THR A 49 33.60 -13.90 42.97
N ASP A 50 33.68 -15.18 43.29
CA ASP A 50 32.58 -16.10 42.98
C ASP A 50 31.41 -16.08 43.99
N LEU A 51 30.75 -14.93 44.11
CA LEU A 51 29.59 -14.80 45.02
C LEU A 51 28.36 -15.60 44.60
N PRO A 52 27.58 -16.12 45.57
CA PRO A 52 26.30 -16.68 45.19
C PRO A 52 25.20 -15.62 45.13
N LEU A 53 24.04 -16.02 44.60
CA LEU A 53 22.85 -15.20 44.67
C LEU A 53 22.44 -15.09 46.11
N THR A 54 22.04 -13.90 46.55
CA THR A 54 21.31 -13.79 47.80
C THR A 54 20.06 -14.67 47.66
N PRO A 55 19.41 -15.07 48.80
CA PRO A 55 18.04 -15.65 48.82
C PRO A 55 17.01 -14.84 48.05
N TYR A 56 17.07 -13.51 48.12
CA TYR A 56 16.19 -12.68 47.30
C TYR A 56 16.47 -12.89 45.78
N GLY A 57 17.76 -12.92 45.41
CA GLY A 57 18.19 -13.14 44.03
C GLY A 57 17.74 -14.45 43.39
N GLU A 58 17.67 -15.51 44.19
CA GLU A 58 17.09 -16.78 43.76
C GLU A 58 15.60 -16.65 43.48
N GLY A 59 14.85 -16.13 44.45
CA GLY A 59 13.43 -15.89 44.24
C GLY A 59 13.18 -14.99 43.04
N GLN A 60 14.00 -13.94 42.90
CA GLN A 60 13.88 -13.00 41.81
C GLN A 60 14.07 -13.67 40.44
N MSE A 61 15.06 -14.57 40.33
CA MSE A 61 15.34 -15.26 39.06
C MSE A 61 14.33 -16.35 38.73
O MSE A 61 14.07 -16.64 37.56
CB MSE A 61 16.77 -15.83 39.03
CG MSE A 61 17.88 -14.81 39.01
SE MSE A 61 17.31 -13.15 38.24
CE MSE A 61 17.09 -13.63 36.36
N LEU A 62 13.76 -16.96 39.77
CA LEU A 62 12.64 -17.88 39.62
C LEU A 62 11.38 -17.23 39.04
N ARG A 63 10.99 -16.08 39.60
CA ARG A 63 9.85 -15.29 39.11
C ARG A 63 10.10 -14.74 37.70
N THR A 64 11.35 -14.41 37.40
CA THR A 64 11.72 -13.93 36.07
C THR A 64 11.47 -15.01 35.01
N GLY A 65 11.93 -16.23 35.29
CA GLY A 65 11.71 -17.36 34.40
C GLY A 65 10.24 -17.72 34.22
N GLU A 66 9.47 -17.66 35.29
CA GLU A 66 8.02 -17.83 35.21
C GLU A 66 7.38 -16.73 34.33
N SER A 67 7.77 -15.47 34.56
CA SER A 67 7.31 -14.39 33.69
C SER A 67 7.60 -14.65 32.20
N VAL A 68 8.84 -14.95 31.84
CA VAL A 68 9.21 -15.06 30.41
C VAL A 68 8.71 -16.33 29.72
N PHE A 69 8.59 -17.42 30.46
CA PHE A 69 8.12 -18.68 29.89
C PHE A 69 6.65 -18.96 30.11
N ARG A 70 6.13 -18.55 31.27
CA ARG A 70 4.78 -18.95 31.70
C ARG A 70 3.75 -17.86 31.51
N ASN A 71 3.70 -16.91 32.45
CA ASN A 71 2.63 -15.92 32.52
C ASN A 71 2.58 -15.05 31.28
N ASN A 72 3.76 -14.73 30.74
CA ASN A 72 3.91 -14.16 29.40
C ASN A 72 4.62 -15.22 28.60
N GLN A 73 4.65 -15.06 27.29
CA GLN A 73 5.52 -15.94 26.53
C GLN A 73 6.46 -15.11 25.69
N PHE A 74 7.36 -14.43 26.40
CA PHE A 74 8.43 -13.65 25.79
C PHE A 74 9.45 -14.58 25.16
N LEU A 75 9.67 -15.73 25.79
CA LEU A 75 10.54 -16.77 25.23
C LEU A 75 9.80 -18.08 24.97
N ASN A 76 10.08 -18.66 23.82
CA ASN A 76 9.58 -19.99 23.47
C ASN A 76 10.72 -21.02 23.54
N PRO A 77 10.61 -22.01 24.46
CA PRO A 77 11.70 -22.96 24.67
C PRO A 77 12.11 -23.69 23.38
N ASP A 78 11.14 -24.06 22.56
CA ASP A 78 11.38 -24.73 21.26
C ASP A 78 12.34 -23.95 20.34
N ASN A 79 12.42 -22.64 20.54
CA ASN A 79 13.29 -21.79 19.73
C ASN A 79 14.70 -21.54 20.29
N ILE A 80 14.93 -21.93 21.54
CA ILE A 80 16.25 -21.82 22.18
C ILE A 80 17.10 -23.01 21.74
N THR A 81 18.26 -22.69 21.19
CA THR A 81 19.17 -23.66 20.65
C THR A 81 20.36 -23.77 21.60
N TYR A 82 20.95 -22.61 21.92
CA TYR A 82 22.12 -22.53 22.77
C TYR A 82 21.92 -21.61 23.97
N ILE A 83 22.53 -21.96 25.09
CA ILE A 83 22.66 -21.04 26.24
C ILE A 83 24.12 -20.87 26.60
N PHE A 84 24.65 -19.65 26.51
CA PHE A 84 26.04 -19.39 26.88
C PHE A 84 26.04 -18.73 28.26
N THR A 85 26.97 -19.15 29.12
CA THR A 85 27.07 -18.60 30.46
C THR A 85 28.49 -18.30 30.93
N SER A 86 28.66 -17.17 31.63
CA SER A 86 29.89 -16.92 32.39
C SER A 86 30.10 -18.12 33.28
N PRO A 87 31.36 -18.44 33.59
CA PRO A 87 31.59 -19.58 34.48
C PRO A 87 31.23 -19.28 35.94
N ARG A 88 31.02 -18.01 36.29
CA ARG A 88 30.67 -17.60 37.66
C ARG A 88 29.40 -18.27 38.15
N LEU A 89 29.44 -18.64 39.43
CA LEU A 89 28.36 -19.33 40.12
C LEU A 89 27.03 -18.56 40.02
N ARG A 90 27.05 -17.25 40.30
CA ARG A 90 25.88 -16.40 40.19
C ARG A 90 25.26 -16.42 38.78
N ALA A 91 26.07 -16.46 37.72
CA ALA A 91 25.55 -16.65 36.35
C ALA A 91 24.93 -18.05 36.12
N ARG A 92 25.62 -19.10 36.58
CA ARG A 92 25.13 -20.48 36.37
C ARG A 92 23.90 -20.77 37.24
N GLN A 93 23.89 -20.23 38.46
CA GLN A 93 22.72 -20.30 39.31
C GLN A 93 21.55 -19.63 38.60
N THR A 94 21.84 -18.55 37.87
CA THR A 94 20.82 -17.76 37.23
C THR A 94 20.21 -18.52 36.03
N VAL A 95 21.06 -19.26 35.31
CA VAL A 95 20.60 -20.16 34.25
C VAL A 95 19.66 -21.18 34.88
N ASP A 96 20.11 -21.78 35.98
CA ASP A 96 19.34 -22.83 36.65
C ASP A 96 17.93 -22.37 36.97
N LEU A 97 17.80 -21.23 37.64
CA LEU A 97 16.50 -20.72 38.06
C LEU A 97 15.58 -20.21 36.92
N VAL A 98 16.13 -19.42 35.99
CA VAL A 98 15.36 -18.92 34.84
C VAL A 98 14.81 -20.08 34.00
N LEU A 99 15.54 -21.19 33.92
CA LEU A 99 15.07 -22.33 33.09
C LEU A 99 14.22 -23.40 33.81
N LYS A 100 14.00 -23.21 35.12
CA LYS A 100 13.08 -24.02 35.94
C LYS A 100 11.74 -24.40 35.27
N PRO A 101 11.01 -23.45 34.66
CA PRO A 101 9.70 -23.77 34.05
C PRO A 101 9.70 -24.76 32.87
N LEU A 102 10.88 -25.04 32.30
CA LEU A 102 10.97 -25.96 31.17
C LEU A 102 10.79 -27.43 31.61
N SER A 103 10.32 -28.26 30.67
CA SER A 103 10.28 -29.70 30.86
C SER A 103 11.65 -30.28 30.52
N ASP A 104 11.89 -31.52 30.94
CA ASP A 104 13.12 -32.24 30.64
C ASP A 104 13.31 -32.47 29.15
N GLU A 105 12.20 -32.56 28.43
CA GLU A 105 12.21 -32.71 26.98
C GLU A 105 12.72 -31.43 26.29
N GLN A 106 12.14 -30.28 26.66
CA GLN A 106 12.60 -28.98 26.18
C GLN A 106 14.10 -28.77 26.51
N ARG A 107 14.49 -29.11 27.73
CA ARG A 107 15.90 -28.98 28.16
C ARG A 107 16.87 -29.84 27.38
N ALA A 108 16.42 -31.03 26.96
CA ALA A 108 17.24 -32.01 26.21
C ALA A 108 17.67 -31.50 24.84
N LYS A 109 16.85 -30.60 24.29
CA LYS A 109 17.03 -30.01 22.96
C LYS A 109 17.75 -28.65 23.06
N ILE A 110 18.26 -28.31 24.25
CA ILE A 110 18.98 -27.03 24.48
C ILE A 110 20.41 -27.34 24.94
N ARG A 111 21.40 -26.75 24.26
CA ARG A 111 22.82 -26.93 24.65
C ARG A 111 23.35 -25.79 25.53
N VAL A 112 24.02 -26.14 26.62
CA VAL A 112 24.52 -25.16 27.61
C VAL A 112 26.03 -25.14 27.57
N VAL A 113 26.62 -23.95 27.42
CA VAL A 113 28.04 -23.89 27.18
C VAL A 113 28.66 -22.92 28.16
N VAL A 114 29.58 -23.39 29.00
CA VAL A 114 30.28 -22.47 29.86
C VAL A 114 31.45 -21.79 29.10
N ASP A 115 31.41 -20.46 29.00
CA ASP A 115 32.40 -19.66 28.22
C ASP A 115 33.10 -18.59 29.10
N ASP A 116 34.41 -18.73 29.26
CA ASP A 116 35.24 -17.86 30.06
C ASP A 116 35.34 -16.43 29.45
N ASP A 117 35.16 -16.31 28.13
CA ASP A 117 35.11 -14.99 27.49
C ASP A 117 33.93 -14.14 27.97
N LEU A 118 33.00 -14.77 28.69
CA LEU A 118 31.80 -14.09 29.20
C LEU A 118 31.87 -13.66 30.67
N ARG A 119 33.01 -13.84 31.30
CA ARG A 119 33.18 -13.42 32.69
C ARG A 119 33.09 -11.90 32.75
N GLU A 120 32.96 -11.38 33.97
CA GLU A 120 32.90 -9.94 34.19
C GLU A 120 34.26 -9.26 33.87
N TRP A 121 34.23 -7.94 33.67
CA TRP A 121 35.45 -7.14 33.64
C TRP A 121 36.32 -7.56 34.82
N GLU A 122 37.59 -7.87 34.57
CA GLU A 122 38.49 -8.11 35.69
C GLU A 122 38.87 -6.78 36.32
N TYR A 123 38.30 -6.51 37.49
CA TYR A 123 38.50 -5.26 38.20
C TYR A 123 39.88 -5.09 38.88
N GLY A 124 40.62 -6.18 39.05
CA GLY A 124 41.95 -6.10 39.61
C GLY A 124 41.87 -5.41 40.95
N ASP A 125 42.53 -4.26 41.08
CA ASP A 125 42.64 -3.58 42.38
C ASP A 125 41.28 -3.22 42.96
N TYR A 126 40.29 -3.02 42.11
CA TYR A 126 38.98 -2.49 42.50
C TYR A 126 37.94 -3.55 42.86
N GLU A 127 38.36 -4.80 42.91
CA GLU A 127 37.48 -5.85 43.36
C GLU A 127 36.86 -5.54 44.75
N GLY A 128 35.52 -5.65 44.79
CA GLY A 128 34.70 -5.45 46.00
C GLY A 128 34.52 -4.00 46.43
N MSE A 129 35.04 -3.07 45.62
CA MSE A 129 34.92 -1.65 45.95
C MSE A 129 33.70 -0.93 45.35
O MSE A 129 33.08 -1.43 44.41
CB MSE A 129 36.21 -0.90 45.61
CG MSE A 129 37.42 -1.31 46.44
SE MSE A 129 39.02 -0.28 45.94
CE MSE A 129 38.58 1.44 46.71
N LEU A 130 33.35 0.23 45.91
CA LEU A 130 32.35 1.12 45.34
C LEU A 130 33.01 2.14 44.37
N THR A 131 32.21 2.63 43.43
CA THR A 131 32.64 3.70 42.55
C THR A 131 33.35 4.86 43.28
N ARG A 132 32.73 5.44 44.30
CA ARG A 132 33.36 6.57 44.98
C ARG A 132 34.67 6.23 45.69
N GLU A 133 34.76 4.98 46.18
CA GLU A 133 36.00 4.50 46.77
C GLU A 133 37.07 4.28 45.73
N ILE A 134 36.70 3.76 44.56
CA ILE A 134 37.63 3.66 43.43
C ILE A 134 38.18 5.05 43.03
N ILE A 135 37.29 6.00 42.78
CA ILE A 135 37.71 7.39 42.52
C ILE A 135 38.69 7.92 43.56
N GLU A 136 38.40 7.68 44.84
CA GLU A 136 39.24 8.12 45.94
C GLU A 136 40.62 7.44 45.90
N LEU A 137 40.63 6.14 45.57
CA LEU A 137 41.89 5.38 45.53
C LEU A 137 42.80 5.88 44.42
N ARG A 138 42.20 6.08 43.24
CA ARG A 138 42.89 6.62 42.06
C ARG A 138 43.41 8.06 42.29
N LYS A 139 42.61 8.89 42.95
CA LYS A 139 43.01 10.26 43.28
C LYS A 139 44.29 10.25 44.11
N SER A 140 44.31 9.37 45.11
CA SER A 140 45.46 9.22 46.02
C SER A 140 46.72 8.64 45.33
N ARG A 141 46.53 7.93 44.22
CA ARG A 141 47.65 7.42 43.42
C ARG A 141 48.09 8.45 42.36
N GLY A 142 47.46 9.63 42.39
CA GLY A 142 47.85 10.73 41.53
C GLY A 142 47.32 10.59 40.11
N LEU A 143 46.14 9.97 39.97
CA LEU A 143 45.54 9.75 38.66
C LEU A 143 44.31 10.63 38.49
N ASP A 144 43.77 10.65 37.28
CA ASP A 144 42.54 11.38 36.95
C ASP A 144 42.67 12.89 37.21
N LYS A 145 43.87 13.42 36.97
CA LYS A 145 44.18 14.86 37.11
C LYS A 145 43.41 15.74 36.11
N GLU A 146 43.46 15.38 34.83
CA GLU A 146 42.79 16.15 33.78
C GLU A 146 41.29 15.84 33.61
N ARG A 147 40.92 14.58 33.82
CA ARG A 147 39.54 14.13 33.59
C ARG A 147 39.18 12.95 34.50
N PRO A 148 37.90 12.82 34.89
CA PRO A 148 37.51 11.71 35.75
C PRO A 148 37.79 10.32 35.14
N TRP A 149 38.10 9.35 36.01
CA TRP A 149 38.19 7.95 35.62
C TRP A 149 36.92 7.51 34.90
N ASN A 150 37.10 6.70 33.86
CA ASN A 150 36.02 6.20 33.01
C ASN A 150 36.43 4.79 32.65
N ILE A 151 35.80 3.81 33.28
CA ILE A 151 36.20 2.40 33.12
C ILE A 151 36.24 1.99 31.64
N TRP A 152 35.26 2.48 30.86
CA TRP A 152 35.05 2.10 29.46
C TRP A 152 36.19 2.51 28.55
N ARG A 153 36.95 3.50 29.01
CA ARG A 153 38.14 4.03 28.35
C ARG A 153 39.41 3.53 29.07
N ASP A 154 39.38 3.58 30.40
CA ASP A 154 40.60 3.40 31.22
C ASP A 154 40.88 2.00 31.75
N GLY A 155 39.84 1.16 31.90
CA GLY A 155 39.96 -0.12 32.57
C GLY A 155 40.31 0.02 34.05
N CYS A 156 40.93 -1.03 34.59
CA CYS A 156 41.22 -1.13 36.02
C CYS A 156 42.69 -1.49 36.23
N GLU A 157 43.38 -0.73 37.10
CA GLU A 157 44.75 -1.07 37.53
C GLU A 157 44.82 -2.52 38.02
N ASN A 158 45.79 -3.28 37.49
CA ASN A 158 45.93 -4.72 37.74
C ASN A 158 44.70 -5.57 37.31
N GLY A 159 43.79 -4.93 36.56
CA GLY A 159 42.68 -5.63 35.95
C GLY A 159 42.76 -5.48 34.44
N GLU A 160 41.63 -5.67 33.76
CA GLU A 160 41.56 -5.60 32.32
C GLU A 160 41.43 -4.17 31.81
N THR A 161 42.08 -3.92 30.68
CA THR A 161 41.86 -2.71 29.90
C THR A 161 40.55 -2.91 29.12
N THR A 162 40.11 -1.84 28.46
CA THR A 162 38.87 -1.87 27.70
C THR A 162 39.00 -2.69 26.41
N GLN A 163 40.22 -2.84 25.90
CA GLN A 163 40.47 -3.62 24.69
C GLN A 163 40.51 -5.12 24.97
N GLN A 164 41.06 -5.50 26.13
CA GLN A 164 41.04 -6.89 26.58
C GLN A 164 39.62 -7.46 26.72
N ILE A 165 38.73 -6.69 27.33
CA ILE A 165 37.33 -7.11 27.45
C ILE A 165 36.59 -7.02 26.11
N GLY A 166 36.81 -5.93 25.37
CA GLY A 166 36.26 -5.76 24.01
C GLY A 166 36.67 -6.86 23.05
N LEU A 167 37.87 -7.41 23.26
CA LEU A 167 38.39 -8.53 22.45
C LEU A 167 37.71 -9.88 22.73
N ARG A 168 37.65 -10.28 23.99
CA ARG A 168 37.00 -11.52 24.37
C ARG A 168 35.50 -11.52 24.11
N LEU A 169 34.85 -10.35 24.26
CA LEU A 169 33.40 -10.26 23.99
C LEU A 169 33.10 -10.33 22.48
N SER A 170 33.98 -9.70 21.69
CA SER A 170 33.99 -9.84 20.24
C SER A 170 34.10 -11.29 19.78
N ARG A 171 34.99 -12.07 20.39
CA ARG A 171 35.06 -13.49 20.05
C ARG A 171 33.74 -14.26 20.30
N ALA A 172 33.17 -14.14 21.50
CA ALA A 172 31.85 -14.73 21.86
C ALA A 172 30.75 -14.28 20.87
N ILE A 173 30.76 -12.99 20.50
CA ILE A 173 29.75 -12.43 19.56
C ILE A 173 29.84 -13.09 18.18
N ALA A 174 31.07 -13.18 17.67
CA ALA A 174 31.34 -13.83 16.41
C ALA A 174 30.92 -15.31 16.44
N ARG A 175 31.20 -16.02 17.53
CA ARG A 175 30.70 -17.38 17.68
C ARG A 175 29.17 -17.47 17.69
N ILE A 176 28.51 -16.52 18.34
CA ILE A 176 27.06 -16.53 18.49
C ILE A 176 26.39 -16.21 17.17
N GLN A 177 26.84 -15.16 16.49
CA GLN A 177 26.34 -14.76 15.16
C GLN A 177 26.61 -15.80 14.02
N ASN A 178 27.74 -16.52 14.12
CA ASN A 178 28.04 -17.62 13.20
C ASN A 178 27.02 -18.76 13.35
N LEU A 179 26.77 -19.15 14.61
CA LEU A 179 25.72 -20.10 14.92
C LEU A 179 24.36 -19.65 14.36
N HIS A 180 24.00 -18.38 14.61
CA HIS A 180 22.77 -17.74 14.10
C HIS A 180 22.62 -17.88 12.58
N ARG A 181 23.69 -17.56 11.85
N ARG A 181 23.69 -17.54 11.86
CA ARG A 181 23.77 -17.67 10.40
CA ARG A 181 23.80 -17.66 10.40
C ARG A 181 23.60 -19.12 9.93
C ARG A 181 23.61 -19.11 9.94
N LYS A 182 24.30 -20.02 10.59
CA LYS A 182 24.22 -21.44 10.30
C LYS A 182 22.78 -21.99 10.48
N HIS A 183 22.10 -21.52 11.54
CA HIS A 183 20.73 -21.94 11.87
C HIS A 183 19.70 -21.36 10.94
N GLN A 184 19.84 -20.07 10.64
CA GLN A 184 19.01 -19.41 9.68
C GLN A 184 19.10 -20.10 8.32
N SER A 185 20.31 -20.51 7.91
CA SER A 185 20.50 -21.23 6.64
C SER A 185 19.94 -22.66 6.65
N GLU A 186 19.90 -23.28 7.83
CA GLU A 186 19.21 -24.57 8.03
C GLU A 186 17.72 -24.38 8.15
N GLY A 187 17.27 -23.14 8.00
CA GLY A 187 15.85 -22.81 8.09
C GLY A 187 15.26 -22.86 9.49
N ARG A 188 16.06 -22.76 10.54
CA ARG A 188 15.44 -22.77 11.88
C ARG A 188 15.54 -21.48 12.68
N ALA A 189 14.52 -21.28 13.54
CA ALA A 189 14.56 -20.29 14.60
C ALA A 189 15.73 -20.55 15.54
N SER A 190 16.35 -19.45 15.98
CA SER A 190 17.45 -19.53 16.91
C SER A 190 17.49 -18.39 17.93
N ASP A 191 16.96 -18.63 19.13
CA ASP A 191 17.22 -17.76 20.28
C ASP A 191 18.42 -18.33 21.00
N ILE A 192 19.46 -17.50 21.20
CA ILE A 192 20.65 -17.92 21.94
C ILE A 192 20.73 -17.04 23.16
N MSE A 193 20.91 -17.63 24.33
CA MSE A 193 20.95 -16.86 25.55
C MSE A 193 22.36 -16.67 26.07
O MSE A 193 23.27 -17.52 25.91
CB MSE A 193 20.04 -17.46 26.64
CG MSE A 193 18.61 -17.79 26.16
SE MSE A 193 17.41 -18.33 27.62
CE MSE A 193 17.08 -16.64 28.50
N VAL A 194 22.55 -15.52 26.70
CA VAL A 194 23.82 -15.20 27.26
C VAL A 194 23.63 -14.73 28.69
N PHE A 195 24.17 -15.51 29.64
CA PHE A 195 24.07 -15.17 31.05
C PHE A 195 25.42 -14.72 31.48
N ALA A 196 25.51 -13.47 31.91
CA ALA A 196 26.76 -12.94 32.34
C ALA A 196 26.51 -11.86 33.41
N HIS A 197 27.13 -10.68 33.23
CA HIS A 197 27.29 -9.70 34.30
C HIS A 197 27.02 -8.28 33.84
N GLY A 198 26.80 -7.39 34.79
CA GLY A 198 26.39 -6.01 34.52
C GLY A 198 27.23 -5.21 33.55
N HIS A 199 28.54 -5.18 33.76
CA HIS A 199 29.45 -4.48 32.82
C HIS A 199 29.62 -5.22 31.49
N ALA A 200 29.95 -6.52 31.55
CA ALA A 200 30.22 -7.32 30.37
C ALA A 200 29.05 -7.32 29.39
N LEU A 201 27.82 -7.36 29.90
CA LEU A 201 26.63 -7.42 29.03
C LEU A 201 26.26 -6.07 28.42
N ARG A 202 26.51 -5.00 29.15
CA ARG A 202 26.31 -3.65 28.61
C ARG A 202 27.32 -3.44 27.49
N TYR A 203 28.55 -3.87 27.75
CA TYR A 203 29.64 -3.81 26.77
C TYR A 203 29.29 -4.64 25.52
N PHE A 204 28.92 -5.91 25.76
CA PHE A 204 28.42 -6.86 24.76
C PHE A 204 27.33 -6.22 23.87
N ALA A 205 26.29 -5.68 24.49
CA ALA A 205 25.17 -5.08 23.76
C ALA A 205 25.63 -3.92 22.89
N ALA A 206 26.54 -3.10 23.42
CA ALA A 206 27.06 -1.92 22.73
C ALA A 206 27.79 -2.24 21.44
N ILE A 207 28.71 -3.20 21.49
CA ILE A 207 29.51 -3.56 20.30
C ILE A 207 28.73 -4.40 19.28
N TRP A 208 27.81 -5.22 19.77
CA TRP A 208 26.86 -5.94 18.92
C TRP A 208 26.26 -5.07 17.80
N PHE A 209 25.72 -3.91 18.16
CA PHE A 209 25.05 -3.08 17.15
C PHE A 209 25.91 -1.92 16.66
N GLY A 210 27.21 -1.96 16.98
CA GLY A 210 28.20 -1.19 16.27
C GLY A 210 28.81 -0.01 16.99
N LEU A 211 28.66 0.07 18.31
CA LEU A 211 29.30 1.15 19.06
C LEU A 211 30.80 0.91 19.20
N GLY A 212 31.55 1.93 19.64
CA GLY A 212 32.99 1.81 19.83
C GLY A 212 33.77 1.90 18.54
N VAL A 213 34.98 1.35 18.57
CA VAL A 213 35.91 1.41 17.45
C VAL A 213 36.35 0.01 17.01
N GLN A 214 36.59 -0.12 15.71
CA GLN A 214 37.19 -1.30 15.11
C GLN A 214 38.71 -1.24 15.21
N LYS A 215 39.29 -2.37 15.62
CA LYS A 215 40.74 -2.54 15.69
C LYS A 215 41.02 -3.89 15.03
N LYS A 216 42.02 -3.91 14.15
CA LYS A 216 42.54 -5.14 13.58
C LYS A 216 43.23 -5.98 14.65
N CYS A 217 43.14 -7.30 14.52
CA CYS A 217 43.89 -8.21 15.39
C CYS A 217 45.31 -8.33 14.85
N GLU A 218 46.26 -7.77 15.59
CA GLU A 218 47.64 -7.64 15.15
C GLU A 218 48.66 -8.18 16.17
N THR A 219 48.45 -7.86 17.43
CA THR A 219 49.35 -8.29 18.49
C THR A 219 49.15 -9.79 18.82
N ILE A 220 49.97 -10.33 19.71
CA ILE A 220 49.91 -11.76 20.07
C ILE A 220 48.59 -12.05 20.81
N GLU A 221 48.26 -11.19 21.77
CA GLU A 221 47.02 -11.28 22.56
C GLU A 221 45.77 -11.25 21.67
N GLU A 222 45.78 -10.35 20.70
CA GLU A 222 44.67 -10.13 19.79
C GLU A 222 44.45 -11.27 18.79
N ILE A 223 45.46 -12.12 18.64
CA ILE A 223 45.48 -13.12 17.59
C ILE A 223 45.41 -14.56 18.12
N GLN A 224 45.81 -14.77 19.37
CA GLN A 224 45.78 -16.12 19.92
C GLN A 224 44.38 -16.69 20.20
N ASN A 225 44.24 -17.99 20.00
CA ASN A 225 43.13 -18.79 20.52
C ASN A 225 43.45 -19.05 22.00
N VAL A 226 42.55 -18.63 22.90
CA VAL A 226 42.80 -18.84 24.34
C VAL A 226 42.10 -20.06 24.93
N LYS A 227 41.19 -20.67 24.17
CA LYS A 227 40.43 -21.85 24.60
C LYS A 227 39.61 -21.59 25.87
N SER A 228 38.65 -20.68 25.70
CA SER A 228 37.80 -20.17 26.76
C SER A 228 36.55 -21.03 26.99
N TYR A 229 36.21 -21.89 26.04
CA TYR A 229 35.07 -22.79 26.18
C TYR A 229 35.50 -24.12 25.61
N ASP A 230 34.76 -25.16 25.94
CA ASP A 230 35.00 -26.46 25.36
C ASP A 230 33.66 -27.10 25.02
N ASP A 231 33.21 -26.85 23.81
CA ASP A 231 32.05 -27.52 23.25
C ASP A 231 32.29 -27.60 21.77
N ASP A 232 32.39 -28.83 21.27
CA ASP A 232 32.76 -29.07 19.87
C ASP A 232 31.66 -28.70 18.86
N THR A 233 30.45 -28.41 19.35
CA THR A 233 29.35 -28.01 18.48
C THR A 233 29.32 -26.50 18.19
N VAL A 234 30.21 -25.76 18.87
CA VAL A 234 30.37 -24.33 18.62
C VAL A 234 31.68 -24.05 17.85
N PRO A 235 31.58 -23.83 16.54
CA PRO A 235 32.77 -23.48 15.78
C PRO A 235 33.47 -22.23 16.37
N TYR A 236 34.79 -22.34 16.57
CA TYR A 236 35.62 -21.20 16.95
C TYR A 236 35.81 -20.29 15.75
N VAL A 237 35.63 -18.98 15.96
CA VAL A 237 35.79 -17.99 14.90
C VAL A 237 37.04 -17.12 15.11
N LYS A 238 38.06 -17.31 14.28
CA LYS A 238 39.28 -16.46 14.33
C LYS A 238 39.01 -15.08 13.77
N LEU A 239 39.07 -14.09 14.65
CA LEU A 239 38.81 -12.70 14.27
C LEU A 239 39.99 -12.10 13.50
N GLU A 240 39.67 -11.31 12.47
CA GLU A 240 40.66 -10.49 11.79
C GLU A 240 40.63 -9.10 12.42
N SER A 241 39.46 -8.73 12.91
CA SER A 241 39.26 -7.51 13.67
C SER A 241 38.26 -7.73 14.79
N TYR A 242 38.35 -6.86 15.80
CA TYR A 242 37.46 -6.85 16.94
C TYR A 242 37.06 -5.40 17.27
N ARG A 243 35.95 -5.25 18.00
CA ARG A 243 35.48 -3.95 18.51
C ARG A 243 35.67 -3.79 20.02
N HIS A 244 35.95 -2.54 20.43
CA HIS A 244 36.04 -2.17 21.84
C HIS A 244 35.47 -0.77 22.02
N LEU A 245 35.02 -0.46 23.23
CA LEU A 245 34.50 0.88 23.52
C LEU A 245 35.62 1.82 23.99
N VAL A 246 35.43 3.12 23.80
CA VAL A 246 36.33 4.12 24.35
C VAL A 246 35.62 5.10 25.32
N ASP A 247 34.33 4.85 25.58
CA ASP A 247 33.49 5.71 26.41
C ASP A 247 32.23 4.93 26.89
N ASN A 248 31.50 5.55 27.81
CA ASN A 248 30.30 4.95 28.40
C ASN A 248 29.22 4.77 27.33
N PRO A 249 28.69 3.55 27.18
CA PRO A 249 27.62 3.41 26.19
C PRO A 249 26.30 3.97 26.70
N CYS A 250 26.19 4.16 28.01
CA CYS A 250 25.03 4.79 28.69
C CYS A 250 23.84 3.91 28.66
N PHE A 251 24.04 2.68 29.14
CA PHE A 251 23.03 1.64 29.16
C PHE A 251 22.66 1.41 30.60
N LEU A 252 21.40 1.02 30.84
CA LEU A 252 20.98 0.45 32.13
C LEU A 252 20.62 -1.00 31.95
N LEU A 253 21.04 -1.80 32.93
CA LEU A 253 20.69 -3.21 33.02
C LEU A 253 20.87 -3.64 34.46
N ASP A 254 19.74 -3.78 35.14
CA ASP A 254 19.73 -4.27 36.51
C ASP A 254 20.03 -5.75 36.65
N ALA A 255 20.43 -6.13 37.88
CA ALA A 255 20.49 -7.52 38.31
C ALA A 255 19.26 -8.26 37.81
N GLY A 256 19.47 -9.39 37.14
CA GLY A 256 18.39 -10.19 36.58
C GLY A 256 17.67 -9.59 35.38
N GLY A 257 18.22 -8.51 34.81
CA GLY A 257 17.64 -7.81 33.67
C GLY A 257 17.85 -8.57 32.38
N ILE A 258 16.97 -8.34 31.41
CA ILE A 258 16.98 -9.11 30.17
C ILE A 258 17.02 -8.16 28.98
N GLY A 259 18.02 -8.30 28.12
CA GLY A 259 18.08 -7.51 26.88
C GLY A 259 17.93 -8.41 25.70
N VAL A 260 17.64 -7.84 24.53
CA VAL A 260 17.50 -8.61 23.31
C VAL A 260 18.27 -7.91 22.18
N LEU A 261 19.18 -8.65 21.57
CA LEU A 261 19.94 -8.21 20.43
C LEU A 261 19.55 -9.09 19.28
N SER A 262 19.33 -8.50 18.11
CA SER A 262 18.92 -9.27 16.96
C SER A 262 19.51 -8.63 15.72
N TYR A 263 18.72 -8.63 14.63
CA TYR A 263 19.21 -8.22 13.30
C TYR A 263 18.10 -7.46 12.59
N ALA A 264 18.48 -6.49 11.78
CA ALA A 264 17.52 -5.81 10.89
C ALA A 264 17.34 -6.58 9.56
N HIS A 265 16.11 -6.63 9.05
CA HIS A 265 15.83 -7.21 7.71
C HIS A 265 16.32 -8.64 7.53
N HIS A 266 16.10 -9.49 8.54
CA HIS A 266 16.48 -10.93 8.49
C HIS A 266 17.91 -11.15 8.01
N ASN A 267 18.80 -10.24 8.39
CA ASN A 267 20.15 -10.23 7.85
C ASN A 267 21.23 -10.19 8.95
N ILE A 268 21.94 -11.31 9.09
CA ILE A 268 23.01 -11.43 10.08
C ILE A 268 24.08 -10.34 10.01
N ASP A 269 24.26 -9.76 8.82
CA ASP A 269 25.19 -8.64 8.59
C ASP A 269 24.63 -7.26 9.02
N GLU A 270 23.40 -7.25 9.55
CA GLU A 270 22.81 -6.02 10.06
C GLU A 270 22.45 -6.15 11.56
N PRO A 271 23.45 -6.40 12.42
CA PRO A 271 23.11 -6.62 13.85
C PRO A 271 22.50 -5.36 14.47
N ALA A 272 21.45 -5.55 15.27
CA ALA A 272 20.68 -4.47 15.84
C ALA A 272 20.27 -4.72 17.30
N LEU A 273 20.05 -3.63 18.03
CA LEU A 273 19.47 -3.68 19.35
C LEU A 273 17.92 -3.62 19.30
N GLU A 274 17.29 -4.56 20.01
CA GLU A 274 15.85 -4.55 20.16
C GLU A 274 15.47 -3.61 21.32
N LEU A 275 14.80 -2.49 21.00
CA LEU A 275 14.46 -1.48 21.98
C LEU A 275 13.42 -1.96 23.00
N ALA A 276 12.60 -2.94 22.62
CA ALA A 276 11.55 -3.46 23.50
C ALA A 276 12.06 -4.50 24.51
N GLY A 277 13.37 -4.72 24.56
CA GLY A 277 13.94 -5.81 25.30
C GLY A 277 13.21 -7.09 24.93
N PRO A 278 12.82 -7.89 25.95
CA PRO A 278 12.10 -9.13 25.66
C PRO A 278 10.58 -8.95 25.42
N PHE A 279 10.07 -7.72 25.59
CA PHE A 279 8.64 -7.46 25.44
C PHE A 279 8.13 -7.61 24.00
N VAL A 280 7.03 -8.36 23.87
CA VAL A 280 6.29 -8.47 22.62
C VAL A 280 4.82 -8.42 22.98
N SER A 281 4.02 -7.80 22.11
CA SER A 281 2.58 -7.69 22.32
C SER A 281 1.97 -9.08 22.35
N PRO A 282 0.98 -9.30 23.24
CA PRO A 282 0.39 -10.64 23.26
C PRO A 282 -0.29 -10.96 21.93
N PRO A 283 -0.18 -12.21 21.45
CA PRO A 283 -0.83 -12.57 20.19
C PRO A 283 -2.36 -12.57 20.26
N GLU A 284 -3.00 -12.45 19.09
CA GLU A 284 -4.46 -12.34 18.97
C GLU A 284 -5.26 -13.43 19.71
N LEU B 25 -14.75 -3.38 -44.54
CA LEU B 25 -14.71 -3.03 -43.09
C LEU B 25 -16.10 -3.17 -42.47
N THR B 26 -16.15 -3.71 -41.25
CA THR B 26 -17.40 -3.78 -40.49
C THR B 26 -17.91 -2.36 -40.30
N PRO B 27 -19.19 -2.12 -40.66
CA PRO B 27 -19.81 -0.83 -40.48
C PRO B 27 -19.85 -0.45 -38.99
N ARG B 28 -19.76 0.85 -38.73
CA ARG B 28 -19.76 1.38 -37.38
C ARG B 28 -20.72 2.56 -37.27
N CYS B 29 -21.21 2.76 -36.06
CA CYS B 29 -21.90 3.98 -35.70
C CYS B 29 -20.99 4.72 -34.74
N ILE B 30 -20.54 5.89 -35.14
CA ILE B 30 -19.70 6.75 -34.28
C ILE B 30 -20.55 7.79 -33.58
N ILE B 31 -20.64 7.70 -32.25
CA ILE B 31 -21.46 8.63 -31.48
C ILE B 31 -20.64 9.79 -30.92
N VAL B 32 -21.15 11.00 -31.07
CA VAL B 32 -20.45 12.20 -30.60
C VAL B 32 -21.39 13.07 -29.80
N ARG B 33 -21.02 13.35 -28.55
CA ARG B 33 -21.75 14.30 -27.73
C ARG B 33 -21.32 15.73 -28.05
N ALA B 34 -22.32 16.61 -28.18
CA ALA B 34 -22.08 18.04 -28.33
C ALA B 34 -21.01 18.52 -27.39
N GLY B 35 -20.19 19.47 -27.83
CA GLY B 35 -19.18 20.06 -26.96
C GLY B 35 -19.80 20.86 -25.84
N GLN B 36 -18.94 21.46 -25.03
CA GLN B 36 -19.32 22.15 -23.81
C GLN B 36 -20.31 23.30 -24.03
N THR B 37 -21.25 23.44 -23.10
CA THR B 37 -22.11 24.61 -23.06
C THR B 37 -22.10 25.22 -21.64
N GLU B 38 -22.79 26.34 -21.47
CA GLU B 38 -22.89 26.99 -20.17
C GLU B 38 -23.51 26.03 -19.15
N TRP B 39 -24.56 25.31 -19.57
CA TRP B 39 -25.25 24.34 -18.71
C TRP B 39 -24.46 23.06 -18.52
N SER B 40 -23.81 22.58 -19.56
CA SER B 40 -23.17 21.28 -19.50
C SER B 40 -21.98 21.32 -18.55
N LYS B 41 -21.25 22.44 -18.57
CA LYS B 41 -20.14 22.64 -17.64
C LYS B 41 -20.57 22.85 -16.20
N SER B 42 -21.72 23.47 -15.97
CA SER B 42 -22.23 23.66 -14.62
C SER B 42 -23.15 22.51 -14.12
N GLY B 43 -23.42 21.52 -14.99
CA GLY B 43 -24.26 20.36 -14.61
C GLY B 43 -25.77 20.50 -14.75
N GLN B 44 -26.22 21.52 -15.47
CA GLN B 44 -27.63 21.88 -15.59
C GLN B 44 -28.26 21.14 -16.76
N TYR B 45 -29.49 20.68 -16.60
CA TYR B 45 -30.05 19.74 -17.58
C TYR B 45 -30.52 20.47 -18.85
N THR B 46 -29.82 20.25 -19.98
CA THR B 46 -30.16 20.87 -21.25
C THR B 46 -30.85 19.88 -22.12
N GLY B 47 -32.12 20.16 -22.42
CA GLY B 47 -32.88 19.33 -23.32
C GLY B 47 -33.16 20.17 -24.53
N LEU B 48 -34.36 20.74 -24.54
CA LEU B 48 -34.87 21.54 -25.63
C LEU B 48 -34.23 22.92 -25.68
N THR B 49 -33.74 23.41 -24.54
CA THR B 49 -33.14 24.74 -24.53
C THR B 49 -32.03 24.76 -25.57
N ASP B 50 -32.18 25.61 -26.56
CA ASP B 50 -31.21 25.65 -27.67
C ASP B 50 -29.92 26.43 -27.37
N LEU B 51 -29.16 26.01 -26.36
CA LEU B 51 -27.89 26.67 -26.02
C LEU B 51 -26.79 26.54 -27.09
N PRO B 52 -25.93 27.58 -27.24
CA PRO B 52 -24.77 27.38 -28.11
C PRO B 52 -23.61 26.76 -27.33
N LEU B 53 -22.55 26.40 -28.05
CA LEU B 53 -21.30 26.01 -27.44
C LEU B 53 -20.68 27.22 -26.79
N THR B 54 -20.13 27.06 -25.59
CA THR B 54 -19.23 28.09 -25.06
C THR B 54 -18.09 28.24 -26.08
N PRO B 55 -17.33 29.38 -26.03
CA PRO B 55 -16.01 29.52 -26.73
C PRO B 55 -15.02 28.40 -26.47
N TYR B 56 -14.94 27.90 -25.24
CA TYR B 56 -14.11 26.73 -24.97
C TYR B 56 -14.61 25.48 -25.76
N GLY B 57 -15.93 25.30 -25.80
CA GLY B 57 -16.58 24.17 -26.49
C GLY B 57 -16.31 24.13 -27.99
N GLU B 58 -16.22 25.30 -28.60
CA GLU B 58 -15.85 25.41 -30.01
C GLU B 58 -14.39 25.00 -30.20
N GLY B 59 -13.50 25.55 -29.40
CA GLY B 59 -12.10 25.17 -29.48
C GLY B 59 -11.94 23.69 -29.25
N GLN B 60 -12.69 23.17 -28.28
CA GLN B 60 -12.60 21.76 -27.89
C GLN B 60 -13.02 20.83 -29.02
N MSE B 61 -14.10 21.20 -29.72
CA MSE B 61 -14.63 20.40 -30.85
C MSE B 61 -13.77 20.53 -32.10
O MSE B 61 -13.73 19.61 -32.91
CB MSE B 61 -16.08 20.77 -31.16
CG MSE B 61 -17.11 20.35 -30.13
SE MSE B 61 -16.45 18.88 -29.03
CE MSE B 61 -16.57 17.38 -30.29
N LEU B 62 -13.08 21.66 -32.26
CA LEU B 62 -12.08 21.83 -33.32
C LEU B 62 -10.85 20.94 -33.15
N ARG B 63 -10.31 20.89 -31.93
CA ARG B 63 -9.18 20.02 -31.59
C ARG B 63 -9.54 18.54 -31.64
N THR B 64 -10.79 18.22 -31.35
CA THR B 64 -11.29 16.85 -31.42
C THR B 64 -11.28 16.34 -32.86
N GLY B 65 -11.82 17.16 -33.77
CA GLY B 65 -11.81 16.84 -35.21
C GLY B 65 -10.41 16.74 -35.81
N GLU B 66 -9.49 17.59 -35.35
CA GLU B 66 -8.10 17.47 -35.76
C GLU B 66 -7.49 16.18 -35.25
N SER B 67 -7.76 15.82 -34.00
CA SER B 67 -7.28 14.56 -33.43
C SER B 67 -7.77 13.34 -34.25
N VAL B 68 -9.07 13.24 -34.52
CA VAL B 68 -9.62 12.04 -35.15
C VAL B 68 -9.31 11.92 -36.67
N PHE B 69 -9.22 13.04 -37.36
CA PHE B 69 -8.94 13.05 -38.81
C PHE B 69 -7.46 13.27 -39.13
N ARG B 70 -6.78 14.07 -38.32
CA ARG B 70 -5.43 14.55 -38.67
C ARG B 70 -4.34 13.82 -37.90
N ASN B 71 -4.08 14.27 -36.68
CA ASN B 71 -2.93 13.81 -35.90
C ASN B 71 -2.97 12.30 -35.64
N ASN B 72 -4.16 11.77 -35.46
CA ASN B 72 -4.42 10.33 -35.49
C ASN B 72 -5.33 10.12 -36.66
N GLN B 73 -5.52 8.87 -37.08
CA GLN B 73 -6.56 8.67 -38.06
C GLN B 73 -7.55 7.63 -37.57
N PHE B 74 -8.26 8.03 -36.51
CA PHE B 74 -9.34 7.24 -35.94
C PHE B 74 -10.52 7.18 -36.88
N LEU B 75 -10.74 8.24 -37.65
CA LEU B 75 -11.75 8.25 -38.69
C LEU B 75 -11.16 8.52 -40.06
N ASN B 76 -11.64 7.76 -41.04
CA ASN B 76 -11.31 7.98 -42.45
C ASN B 76 -12.53 8.59 -43.18
N PRO B 77 -12.39 9.84 -43.69
CA PRO B 77 -13.52 10.51 -44.32
C PRO B 77 -14.16 9.70 -45.43
N ASP B 78 -13.33 9.05 -46.26
CA ASP B 78 -13.80 8.21 -47.38
C ASP B 78 -14.79 7.13 -46.97
N ASN B 79 -14.73 6.72 -45.70
CA ASN B 79 -15.63 5.70 -45.15
C ASN B 79 -16.92 6.21 -44.51
N ILE B 80 -17.02 7.52 -44.30
CA ILE B 80 -18.22 8.14 -43.75
C ILE B 80 -19.24 8.30 -44.88
N THR B 81 -20.42 7.77 -44.67
CA THR B 81 -21.47 7.79 -45.64
C THR B 81 -22.53 8.80 -45.19
N TYR B 82 -23.00 8.64 -43.95
CA TYR B 82 -24.03 9.47 -43.36
C TYR B 82 -23.60 10.09 -42.04
N ILE B 83 -24.07 11.31 -41.79
CA ILE B 83 -23.97 11.94 -40.47
C ILE B 83 -25.36 12.31 -40.00
N PHE B 84 -25.80 11.75 -38.87
CA PHE B 84 -27.11 12.10 -38.29
C PHE B 84 -26.87 13.04 -37.12
N THR B 85 -27.72 14.06 -37.00
CA THR B 85 -27.57 15.04 -35.91
C THR B 85 -28.89 15.42 -35.27
N SER B 86 -28.87 15.61 -33.95
CA SER B 86 -29.96 16.27 -33.24
C SER B 86 -30.17 17.59 -33.91
N PRO B 87 -31.42 18.11 -33.88
CA PRO B 87 -31.63 19.42 -34.49
C PRO B 87 -31.07 20.60 -33.65
N ARG B 88 -30.71 20.36 -32.39
CA ARG B 88 -30.13 21.38 -31.50
C ARG B 88 -28.85 22.00 -32.06
N LEU B 89 -28.75 23.31 -31.87
CA LEU B 89 -27.65 24.13 -32.34
C LEU B 89 -26.28 23.61 -31.85
N ARG B 90 -26.15 23.33 -30.55
CA ARG B 90 -24.94 22.72 -29.98
C ARG B 90 -24.51 21.42 -30.70
N ALA B 91 -25.47 20.58 -31.10
CA ALA B 91 -25.16 19.39 -31.89
C ALA B 91 -24.68 19.74 -33.32
N ARG B 92 -25.41 20.63 -34.00
CA ARG B 92 -25.08 20.99 -35.39
C ARG B 92 -23.77 21.81 -35.46
N GLN B 93 -23.55 22.66 -34.45
CA GLN B 93 -22.30 23.38 -34.28
C GLN B 93 -21.17 22.36 -34.14
N THR B 94 -21.46 21.29 -33.41
CA THR B 94 -20.46 20.25 -33.14
C THR B 94 -20.08 19.47 -34.40
N VAL B 95 -21.07 19.19 -35.26
CA VAL B 95 -20.82 18.60 -36.56
C VAL B 95 -19.92 19.53 -37.35
N ASP B 96 -20.25 20.83 -37.36
CA ASP B 96 -19.51 21.80 -38.14
C ASP B 96 -18.02 21.75 -37.79
N LEU B 97 -17.70 21.86 -36.49
CA LEU B 97 -16.31 21.95 -36.06
C LEU B 97 -15.53 20.62 -36.19
N VAL B 98 -16.14 19.51 -35.78
CA VAL B 98 -15.49 18.19 -35.91
C VAL B 98 -15.14 17.87 -37.39
N LEU B 99 -15.95 18.37 -38.32
CA LEU B 99 -15.70 18.07 -39.75
C LEU B 99 -14.87 19.10 -40.51
N LYS B 100 -14.46 20.18 -39.83
CA LYS B 100 -13.52 21.19 -40.35
C LYS B 100 -12.32 20.65 -41.15
N PRO B 101 -11.61 19.62 -40.65
CA PRO B 101 -10.39 19.14 -41.36
C PRO B 101 -10.63 18.53 -42.76
N LEU B 102 -11.88 18.21 -43.10
CA LEU B 102 -12.21 17.61 -44.40
C LEU B 102 -12.11 18.63 -45.55
N SER B 103 -11.84 18.10 -46.74
CA SER B 103 -11.88 18.90 -47.97
C SER B 103 -13.32 18.95 -48.45
N ASP B 104 -13.61 19.86 -49.39
CA ASP B 104 -14.94 20.02 -49.95
C ASP B 104 -15.37 18.79 -50.75
N GLU B 105 -14.37 18.09 -51.26
CA GLU B 105 -14.53 16.87 -52.01
C GLU B 105 -15.02 15.73 -51.12
N GLN B 106 -14.33 15.52 -50.01
CA GLN B 106 -14.72 14.55 -48.96
C GLN B 106 -16.14 14.86 -48.43
N ARG B 107 -16.41 16.14 -48.21
CA ARG B 107 -17.72 16.59 -47.73
C ARG B 107 -18.87 16.32 -48.67
N ALA B 108 -18.60 16.39 -49.98
CA ALA B 108 -19.59 16.24 -51.06
C ALA B 108 -20.14 14.82 -51.13
N LYS B 109 -19.32 13.89 -50.66
CA LYS B 109 -19.59 12.45 -50.64
C LYS B 109 -20.21 12.02 -49.29
N ILE B 110 -20.53 12.98 -48.43
CA ILE B 110 -21.10 12.70 -47.09
C ILE B 110 -22.49 13.36 -46.97
N ARG B 111 -23.49 12.58 -46.59
CA ARG B 111 -24.84 13.11 -46.41
C ARG B 111 -25.14 13.46 -44.92
N VAL B 112 -25.72 14.65 -44.70
CA VAL B 112 -26.01 15.12 -43.34
C VAL B 112 -27.51 15.21 -43.14
N VAL B 113 -27.99 14.61 -42.06
CA VAL B 113 -29.45 14.46 -41.91
C VAL B 113 -29.86 14.95 -40.54
N VAL B 114 -30.66 16.00 -40.48
CA VAL B 114 -31.16 16.45 -39.19
C VAL B 114 -32.36 15.56 -38.74
N ASP B 115 -32.21 14.89 -37.58
CA ASP B 115 -33.21 13.92 -37.08
C ASP B 115 -33.71 14.28 -35.67
N ASP B 116 -35.01 14.57 -35.58
CA ASP B 116 -35.67 14.98 -34.34
C ASP B 116 -35.72 13.84 -33.28
N ASP B 117 -35.71 12.58 -33.76
CA ASP B 117 -35.60 11.43 -32.86
C ASP B 117 -34.28 11.41 -32.06
N LEU B 118 -33.33 12.29 -32.43
CA LEU B 118 -32.02 12.34 -31.77
C LEU B 118 -31.85 13.49 -30.76
N ARG B 119 -32.92 14.23 -30.52
CA ARG B 119 -32.90 15.29 -29.52
C ARG B 119 -32.67 14.67 -28.14
N GLU B 120 -32.33 15.53 -27.17
CA GLU B 120 -32.13 15.07 -25.80
C GLU B 120 -33.45 14.63 -25.12
N TRP B 121 -33.33 13.83 -24.05
CA TRP B 121 -34.47 13.56 -23.17
C TRP B 121 -35.22 14.87 -22.93
N GLU B 122 -36.52 14.91 -23.17
CA GLU B 122 -37.28 16.09 -22.79
C GLU B 122 -37.45 16.12 -21.28
N TYR B 123 -36.74 17.04 -20.64
CA TYR B 123 -36.71 17.13 -19.19
C TYR B 123 -37.97 17.74 -18.54
N GLY B 124 -38.80 18.42 -19.33
CA GLY B 124 -40.02 18.98 -18.81
C GLY B 124 -39.69 19.89 -17.66
N ASP B 125 -40.18 19.55 -16.47
CA ASP B 125 -40.11 20.46 -15.33
C ASP B 125 -38.67 20.71 -14.94
N TYR B 126 -37.79 19.77 -15.27
CA TYR B 126 -36.40 19.79 -14.80
C TYR B 126 -35.44 20.52 -15.73
N GLU B 127 -35.97 21.16 -16.76
CA GLU B 127 -35.11 21.93 -17.64
C GLU B 127 -34.28 22.98 -16.88
N GLY B 128 -32.96 22.91 -17.10
CA GLY B 128 -31.98 23.85 -16.57
C GLY B 128 -31.62 23.60 -15.12
N MSE B 129 -32.15 22.53 -14.54
CA MSE B 129 -31.86 22.22 -13.14
C MSE B 129 -30.67 21.26 -12.92
O MSE B 129 -30.26 20.56 -13.82
CB MSE B 129 -33.12 21.68 -12.45
CG MSE B 129 -34.24 22.69 -12.27
SE MSE B 129 -35.73 21.81 -11.30
CE MSE B 129 -35.09 21.87 -9.49
N LEU B 130 -30.11 21.27 -11.70
CA LEU B 130 -29.15 20.26 -11.27
C LEU B 130 -29.86 19.02 -10.68
N THR B 131 -29.14 17.90 -10.70
CA THR B 131 -29.60 16.68 -10.08
C THR B 131 -30.10 16.91 -8.65
N ARG B 132 -29.26 17.48 -7.78
CA ARG B 132 -29.64 17.69 -6.38
C ARG B 132 -30.91 18.55 -6.24
N GLU B 133 -31.04 19.54 -7.12
CA GLU B 133 -32.25 20.37 -7.15
C GLU B 133 -33.47 19.60 -7.62
N ILE B 134 -33.31 18.73 -8.63
CA ILE B 134 -34.39 17.84 -9.09
C ILE B 134 -34.89 16.93 -7.95
N ILE B 135 -33.95 16.22 -7.30
CA ILE B 135 -34.26 15.43 -6.10
C ILE B 135 -35.03 16.22 -5.03
N GLU B 136 -34.64 17.47 -4.81
CA GLU B 136 -35.28 18.34 -3.82
C GLU B 136 -36.71 18.70 -4.24
N LEU B 137 -36.89 18.95 -5.54
CA LEU B 137 -38.19 19.35 -6.06
C LEU B 137 -39.17 18.19 -5.94
N ARG B 138 -38.71 17.00 -6.34
CA ARG B 138 -39.50 15.77 -6.27
C ARG B 138 -39.86 15.39 -4.83
N LYS B 139 -38.92 15.58 -3.92
CA LYS B 139 -39.15 15.30 -2.50
C LYS B 139 -40.29 16.15 -1.95
N SER B 140 -40.28 17.43 -2.33
CA SER B 140 -41.31 18.40 -1.94
C SER B 140 -42.68 18.12 -2.56
N ARG B 141 -42.70 17.44 -3.70
CA ARG B 141 -43.95 17.02 -4.34
C ARG B 141 -44.43 15.66 -3.79
N GLY B 142 -43.71 15.14 -2.81
CA GLY B 142 -44.11 13.91 -2.14
C GLY B 142 -43.75 12.64 -2.89
N LEU B 143 -42.70 12.71 -3.70
CA LEU B 143 -42.29 11.59 -4.53
C LEU B 143 -41.01 10.96 -3.98
N ASP B 144 -40.64 9.81 -4.56
CA ASP B 144 -39.40 9.10 -4.21
C ASP B 144 -39.37 8.66 -2.74
N LYS B 145 -40.54 8.32 -2.20
CA LYS B 145 -40.71 7.84 -0.81
C LYS B 145 -39.99 6.53 -0.54
N GLU B 146 -40.24 5.53 -1.40
CA GLU B 146 -39.65 4.18 -1.23
C GLU B 146 -38.22 4.06 -1.78
N ARG B 147 -37.93 4.75 -2.88
CA ARG B 147 -36.63 4.65 -3.55
C ARG B 147 -36.25 5.96 -4.27
N PRO B 148 -34.95 6.24 -4.40
CA PRO B 148 -34.55 7.47 -5.10
C PRO B 148 -35.01 7.55 -6.56
N TRP B 149 -35.25 8.78 -7.04
CA TRP B 149 -35.54 9.05 -8.44
C TRP B 149 -34.42 8.47 -9.32
N ASN B 150 -34.82 7.91 -10.46
CA ASN B 150 -33.92 7.28 -11.39
C ASN B 150 -34.51 7.62 -12.74
N ILE B 151 -33.89 8.57 -13.44
CA ILE B 151 -34.41 9.06 -14.73
C ILE B 151 -34.69 7.91 -15.71
N TRP B 152 -33.80 6.92 -15.71
CA TRP B 152 -33.79 5.81 -16.69
C TRP B 152 -34.98 4.88 -16.55
N ARG B 153 -35.59 4.91 -15.37
CA ARG B 153 -36.81 4.20 -15.04
C ARG B 153 -38.00 5.16 -15.00
N ASP B 154 -37.81 6.35 -14.43
CA ASP B 154 -38.91 7.24 -14.05
C ASP B 154 -39.26 8.36 -15.05
N GLY B 155 -38.29 8.76 -15.88
CA GLY B 155 -38.44 9.96 -16.71
C GLY B 155 -38.58 11.25 -15.91
N CYS B 156 -39.17 12.24 -16.56
CA CYS B 156 -39.29 13.58 -16.01
C CYS B 156 -40.74 14.03 -16.04
N GLU B 157 -41.24 14.55 -14.90
CA GLU B 157 -42.58 15.18 -14.83
C GLU B 157 -42.73 16.24 -15.92
N ASN B 158 -43.83 16.17 -16.68
CA ASN B 158 -44.07 17.02 -17.87
C ASN B 158 -42.99 16.91 -18.97
N GLY B 159 -42.14 15.89 -18.85
CA GLY B 159 -41.17 15.57 -19.87
C GLY B 159 -41.42 14.17 -20.38
N GLU B 160 -40.40 13.57 -20.99
CA GLU B 160 -40.50 12.22 -21.54
C GLU B 160 -40.32 11.13 -20.49
N THR B 161 -41.09 10.06 -20.66
CA THR B 161 -40.87 8.82 -19.92
C THR B 161 -39.70 8.09 -20.58
N THR B 162 -39.25 7.01 -19.95
CA THR B 162 -38.14 6.22 -20.47
C THR B 162 -38.50 5.43 -21.73
N GLN B 163 -39.80 5.12 -21.91
CA GLN B 163 -40.25 4.41 -23.10
C GLN B 163 -40.38 5.31 -24.31
N GLN B 164 -40.76 6.57 -24.09
CA GLN B 164 -40.85 7.56 -25.16
C GLN B 164 -39.49 7.84 -25.81
N ILE B 165 -38.46 8.01 -24.99
CA ILE B 165 -37.10 8.17 -25.51
C ILE B 165 -36.55 6.86 -26.10
N GLY B 166 -36.78 5.74 -25.41
CA GLY B 166 -36.38 4.41 -25.89
C GLY B 166 -36.98 4.05 -27.24
N LEU B 167 -38.21 4.53 -27.48
CA LEU B 167 -38.92 4.36 -28.75
C LEU B 167 -38.34 5.15 -29.92
N ARG B 168 -38.09 6.45 -29.73
CA ARG B 168 -37.55 7.28 -30.79
C ARG B 168 -36.12 6.92 -31.11
N LEU B 169 -35.34 6.54 -30.10
CA LEU B 169 -33.93 6.14 -30.34
C LEU B 169 -33.85 4.79 -31.07
N SER B 170 -34.75 3.87 -30.71
CA SER B 170 -34.98 2.62 -31.44
C SER B 170 -35.28 2.83 -32.92
N ARG B 171 -36.17 3.77 -33.25
CA ARG B 171 -36.39 4.11 -34.66
C ARG B 171 -35.13 4.56 -35.41
N ALA B 172 -34.38 5.53 -34.87
CA ALA B 172 -33.09 6.00 -35.45
C ALA B 172 -32.10 4.85 -35.60
N ILE B 173 -32.02 3.97 -34.58
CA ILE B 173 -31.11 2.81 -34.61
C ILE B 173 -31.46 1.88 -35.77
N ALA B 174 -32.75 1.57 -35.90
CA ALA B 174 -33.23 0.75 -36.99
C ALA B 174 -32.90 1.36 -38.35
N ARG B 175 -33.09 2.66 -38.51
CA ARG B 175 -32.67 3.32 -39.75
C ARG B 175 -31.16 3.24 -39.99
N ILE B 176 -30.37 3.38 -38.94
CA ILE B 176 -28.92 3.39 -39.09
C ILE B 176 -28.40 1.99 -39.46
N GLN B 177 -28.88 0.96 -38.73
CA GLN B 177 -28.52 -0.43 -39.01
C GLN B 177 -28.99 -0.97 -40.38
N ASN B 178 -30.15 -0.48 -40.85
CA ASN B 178 -30.67 -0.79 -42.20
C ASN B 178 -29.76 -0.25 -43.29
N LEU B 179 -29.37 1.03 -43.15
CA LEU B 179 -28.37 1.63 -44.00
C LEU B 179 -27.07 0.83 -44.01
N HIS B 180 -26.56 0.49 -42.82
CA HIS B 180 -25.35 -0.35 -42.63
C HIS B 180 -25.41 -1.67 -43.40
N ARG B 181 -26.54 -2.36 -43.30
N ARG B 181 -26.54 -2.36 -43.26
CA ARG B 181 -26.78 -3.64 -43.97
CA ARG B 181 -26.84 -3.61 -43.96
C ARG B 181 -26.89 -3.47 -45.49
C ARG B 181 -26.84 -3.43 -45.48
N LYS B 182 -27.54 -2.40 -45.92
CA LYS B 182 -27.60 -2.04 -47.34
C LYS B 182 -26.19 -1.75 -47.93
N HIS B 183 -25.33 -1.10 -47.15
CA HIS B 183 -23.98 -0.71 -47.59
C HIS B 183 -23.01 -1.87 -47.60
N GLN B 184 -23.10 -2.70 -46.57
CA GLN B 184 -22.34 -3.92 -46.48
C GLN B 184 -22.69 -4.84 -47.67
N SER B 185 -23.98 -4.92 -48.03
CA SER B 185 -24.39 -5.73 -49.18
C SER B 185 -23.98 -5.13 -50.53
N GLU B 186 -23.80 -3.80 -50.59
CA GLU B 186 -23.21 -3.12 -51.76
C GLU B 186 -21.70 -3.22 -51.75
N GLY B 187 -21.18 -3.93 -50.77
CA GLY B 187 -19.75 -4.12 -50.59
C GLY B 187 -18.98 -2.88 -50.17
N ARG B 188 -19.61 -1.91 -49.50
CA ARG B 188 -18.83 -0.76 -49.03
C ARG B 188 -18.70 -0.60 -47.52
N ALA B 189 -17.56 -0.03 -47.12
CA ALA B 189 -17.38 0.55 -45.79
C ALA B 189 -18.46 1.58 -45.46
N SER B 190 -18.90 1.58 -44.20
CA SER B 190 -19.88 2.54 -43.74
C SER B 190 -19.72 2.96 -42.28
N ASP B 191 -19.04 4.08 -42.06
CA ASP B 191 -19.10 4.76 -40.77
C ASP B 191 -20.24 5.76 -40.83
N ILE B 192 -21.15 5.67 -39.86
CA ILE B 192 -22.25 6.62 -39.76
C ILE B 192 -22.09 7.35 -38.44
N MSE B 193 -22.14 8.67 -38.48
CA MSE B 193 -22.00 9.41 -37.25
C MSE B 193 -23.31 9.89 -36.68
O MSE B 193 -24.29 10.17 -37.38
CB MSE B 193 -21.00 10.57 -37.41
CG MSE B 193 -19.70 10.17 -38.11
SE MSE B 193 -18.40 11.61 -38.17
CE MSE B 193 -17.78 11.65 -36.32
N VAL B 194 -23.34 9.98 -35.36
CA VAL B 194 -24.51 10.47 -34.68
C VAL B 194 -24.06 11.52 -33.69
N PHE B 195 -24.51 12.75 -33.92
CA PHE B 195 -24.24 13.85 -33.02
C PHE B 195 -25.49 14.18 -32.24
N ALA B 196 -25.41 14.03 -30.93
CA ALA B 196 -26.54 14.27 -30.09
C ALA B 196 -26.06 14.70 -28.72
N HIS B 197 -26.60 14.08 -27.65
CA HIS B 197 -26.55 14.62 -26.29
C HIS B 197 -26.20 13.58 -25.24
N GLY B 198 -25.77 14.06 -24.07
CA GLY B 198 -25.30 13.18 -22.98
C GLY B 198 -26.20 12.03 -22.56
N HIS B 199 -27.48 12.31 -22.30
CA HIS B 199 -28.42 11.24 -21.94
C HIS B 199 -28.83 10.38 -23.14
N ALA B 200 -29.22 11.02 -24.23
CA ALA B 200 -29.69 10.32 -25.42
C ALA B 200 -28.67 9.33 -25.97
N LEU B 201 -27.40 9.69 -25.96
CA LEU B 201 -26.36 8.84 -26.56
C LEU B 201 -25.95 7.68 -25.64
N ARG B 202 -26.00 7.91 -24.34
CA ARG B 202 -25.77 6.84 -23.39
C ARG B 202 -26.89 5.83 -23.52
N TYR B 203 -28.10 6.34 -23.68
CA TYR B 203 -29.29 5.53 -23.87
C TYR B 203 -29.17 4.72 -25.18
N PHE B 204 -28.89 5.47 -26.27
CA PHE B 204 -28.63 4.95 -27.61
C PHE B 204 -27.61 3.79 -27.59
N ALA B 205 -26.45 4.03 -26.97
CA ALA B 205 -25.40 3.02 -26.89
C ALA B 205 -25.87 1.76 -26.15
N ALA B 206 -26.61 1.96 -25.05
CA ALA B 206 -27.11 0.87 -24.20
C ALA B 206 -28.04 -0.09 -24.95
N ILE B 207 -29.03 0.45 -25.67
CA ILE B 207 -29.99 -0.40 -26.38
C ILE B 207 -29.42 -1.01 -27.66
N TRP B 208 -28.51 -0.28 -28.31
CA TRP B 208 -27.76 -0.80 -29.46
C TRP B 208 -27.24 -2.23 -29.24
N PHE B 209 -26.55 -2.46 -28.12
CA PHE B 209 -25.96 -3.77 -27.88
C PHE B 209 -26.76 -4.65 -26.93
N GLY B 210 -28.00 -4.23 -26.65
CA GLY B 210 -29.01 -5.13 -26.14
C GLY B 210 -29.44 -4.97 -24.70
N LEU B 211 -29.08 -3.85 -24.06
CA LEU B 211 -29.55 -3.59 -22.69
C LEU B 211 -31.06 -3.24 -22.65
N GLY B 212 -31.62 -3.28 -21.46
CA GLY B 212 -33.03 -2.91 -21.28
C GLY B 212 -33.97 -4.03 -21.67
N VAL B 213 -35.20 -3.65 -21.98
CA VAL B 213 -36.27 -4.60 -22.28
C VAL B 213 -36.87 -4.36 -23.66
N GLN B 214 -37.30 -5.46 -24.28
CA GLN B 214 -38.05 -5.43 -25.52
C GLN B 214 -39.54 -5.25 -25.22
N LYS B 215 -40.15 -4.34 -25.97
CA LYS B 215 -41.58 -4.10 -25.92
C LYS B 215 -42.08 -4.09 -27.36
N LYS B 216 -43.20 -4.77 -27.59
CA LYS B 216 -43.90 -4.72 -28.88
C LYS B 216 -44.53 -3.35 -29.12
N CYS B 217 -44.57 -2.91 -30.37
CA CYS B 217 -45.26 -1.68 -30.72
C CYS B 217 -46.75 -2.00 -30.82
N GLU B 218 -47.53 -1.48 -29.89
CA GLU B 218 -48.93 -1.84 -29.77
C GLU B 218 -49.86 -0.63 -29.70
N THR B 219 -49.46 0.37 -28.91
CA THR B 219 -50.27 1.58 -28.72
C THR B 219 -50.16 2.50 -29.94
N ILE B 220 -50.92 3.60 -29.95
CA ILE B 220 -50.91 4.54 -31.07
C ILE B 220 -49.55 5.23 -31.20
N GLU B 221 -49.03 5.72 -30.07
CA GLU B 221 -47.71 6.35 -29.98
C GLU B 221 -46.58 5.45 -30.49
N GLU B 222 -46.64 4.18 -30.10
CA GLU B 222 -45.64 3.17 -30.43
C GLU B 222 -45.63 2.77 -31.92
N ILE B 223 -46.73 3.06 -32.60
CA ILE B 223 -46.96 2.55 -33.94
C ILE B 223 -46.93 3.65 -35.01
N GLN B 224 -47.20 4.88 -34.62
CA GLN B 224 -47.23 5.97 -35.59
C GLN B 224 -45.87 6.36 -36.17
N ASN B 225 -45.91 6.78 -37.43
N ASN B 225 -45.92 6.97 -37.35
CA ASN B 225 -44.84 7.49 -38.09
CA ASN B 225 -44.74 7.40 -38.04
C ASN B 225 -44.95 8.94 -37.62
C ASN B 225 -44.70 8.95 -37.97
N VAL B 226 -43.87 9.48 -37.07
CA VAL B 226 -43.93 10.89 -36.63
C VAL B 226 -43.26 11.90 -37.56
N LYS B 227 -42.51 11.40 -38.55
CA LYS B 227 -41.83 12.27 -39.54
C LYS B 227 -40.81 13.21 -38.88
N SER B 228 -39.81 12.58 -38.26
CA SER B 228 -38.81 13.24 -37.44
C SER B 228 -37.63 13.74 -38.28
N TYR B 229 -37.49 13.23 -39.49
CA TYR B 229 -36.42 13.66 -40.39
C TYR B 229 -37.01 13.75 -41.77
N ASP B 230 -36.33 14.45 -42.65
CA ASP B 230 -36.75 14.50 -44.04
C ASP B 230 -35.52 14.36 -44.94
N ASP B 231 -35.20 13.12 -45.27
CA ASP B 231 -34.19 12.82 -46.27
C ASP B 231 -34.61 11.53 -46.95
N ASP B 232 -34.90 11.62 -48.24
CA ASP B 232 -35.47 10.51 -49.01
C ASP B 232 -34.47 9.38 -49.27
N THR B 233 -33.19 9.59 -48.96
CA THR B 233 -32.18 8.54 -49.12
C THR B 233 -32.07 7.62 -47.89
N VAL B 234 -32.77 8.00 -46.81
CA VAL B 234 -32.87 7.17 -45.62
C VAL B 234 -34.24 6.46 -45.51
N PRO B 235 -34.29 5.17 -45.88
CA PRO B 235 -35.54 4.43 -45.74
C PRO B 235 -36.04 4.46 -44.27
N TYR B 236 -37.32 4.79 -44.11
CA TYR B 236 -38.00 4.70 -42.82
C TYR B 236 -38.24 3.23 -42.48
N VAL B 237 -37.90 2.84 -41.25
CA VAL B 237 -38.13 1.48 -40.78
C VAL B 237 -39.27 1.42 -39.75
N LYS B 238 -40.41 0.83 -40.12
CA LYS B 238 -41.54 0.62 -39.19
C LYS B 238 -41.23 -0.51 -38.22
N LEU B 239 -41.07 -0.14 -36.96
CA LEU B 239 -40.75 -1.11 -35.90
C LEU B 239 -41.97 -1.98 -35.52
N GLU B 240 -41.71 -3.26 -35.29
CA GLU B 240 -42.70 -4.16 -34.71
C GLU B 240 -42.49 -4.19 -33.19
N SER B 241 -41.23 -4.02 -32.80
CA SER B 241 -40.86 -3.87 -31.41
C SER B 241 -39.75 -2.82 -31.29
N TYR B 242 -39.63 -2.29 -30.07
CA TYR B 242 -38.57 -1.36 -29.71
C TYR B 242 -38.02 -1.74 -28.32
N ARG B 243 -36.83 -1.21 -28.00
CA ARG B 243 -36.17 -1.37 -26.69
C ARG B 243 -36.16 -0.09 -25.88
N HIS B 244 -36.27 -0.23 -24.55
CA HIS B 244 -36.13 0.87 -23.62
C HIS B 244 -35.44 0.39 -22.36
N LEU B 245 -34.84 1.31 -21.62
CA LEU B 245 -34.13 0.97 -20.38
C LEU B 245 -35.09 1.07 -19.19
N VAL B 246 -34.80 0.34 -18.12
CA VAL B 246 -35.55 0.43 -16.88
C VAL B 246 -34.64 0.81 -15.68
N ASP B 247 -33.35 1.05 -15.97
CA ASP B 247 -32.34 1.37 -14.96
C ASP B 247 -31.10 2.03 -15.61
N ASN B 248 -30.18 2.52 -14.77
CA ASN B 248 -29.01 3.23 -15.22
C ASN B 248 -28.07 2.27 -15.98
N PRO B 249 -27.69 2.61 -17.22
CA PRO B 249 -26.76 1.70 -17.90
C PRO B 249 -25.35 1.80 -17.35
N CYS B 250 -25.07 2.88 -16.62
CA CYS B 250 -23.78 3.16 -15.95
C CYS B 250 -22.68 3.42 -16.91
N PHE B 251 -22.94 4.39 -17.79
CA PHE B 251 -22.01 4.79 -18.83
C PHE B 251 -21.47 6.15 -18.49
N LEU B 252 -20.22 6.43 -18.88
CA LEU B 252 -19.70 7.79 -18.90
C LEU B 252 -19.52 8.23 -20.33
N LEU B 253 -19.88 9.49 -20.59
CA LEU B 253 -19.62 10.17 -21.87
C LEU B 253 -19.62 11.67 -21.62
N ASP B 254 -18.44 12.24 -21.64
CA ASP B 254 -18.31 13.68 -21.48
C ASP B 254 -18.73 14.47 -22.69
N ALA B 255 -19.03 15.75 -22.46
CA ALA B 255 -19.13 16.77 -23.53
C ALA B 255 -18.02 16.57 -24.57
N GLY B 256 -18.40 16.45 -25.84
CA GLY B 256 -17.44 16.21 -26.93
C GLY B 256 -16.85 14.81 -27.01
N GLY B 257 -17.42 13.88 -26.23
CA GLY B 257 -16.93 12.51 -26.16
C GLY B 257 -17.36 11.69 -27.36
N ILE B 258 -16.59 10.67 -27.68
CA ILE B 258 -16.82 9.88 -28.88
C ILE B 258 -16.91 8.40 -28.52
N GLY B 259 -18.01 7.77 -28.89
CA GLY B 259 -18.15 6.32 -28.68
C GLY B 259 -18.25 5.64 -30.02
N VAL B 260 -18.08 4.32 -30.03
CA VAL B 260 -18.19 3.54 -31.25
C VAL B 260 -19.03 2.30 -30.99
N LEU B 261 -20.05 2.13 -31.83
CA LEU B 261 -20.91 0.98 -31.77
C LEU B 261 -20.76 0.29 -33.10
N SER B 262 -20.64 -1.03 -33.09
CA SER B 262 -20.43 -1.78 -34.31
C SER B 262 -21.12 -3.12 -34.19
N TYR B 263 -20.51 -4.15 -34.79
CA TYR B 263 -21.11 -5.49 -34.89
C TYR B 263 -20.04 -6.52 -34.64
N ALA B 264 -20.42 -7.65 -34.05
CA ALA B 264 -19.54 -8.83 -33.95
C ALA B 264 -19.61 -9.69 -35.23
N HIS B 265 -18.47 -10.23 -35.65
CA HIS B 265 -18.41 -11.19 -36.78
C HIS B 265 -19.04 -10.71 -38.07
N HIS B 266 -18.79 -9.44 -38.44
CA HIS B 266 -19.29 -8.83 -39.70
C HIS B 266 -20.78 -9.04 -39.89
N ASN B 267 -21.52 -9.06 -38.78
CA ASN B 267 -22.93 -9.43 -38.82
C ASN B 267 -23.84 -8.38 -38.19
N ILE B 268 -24.62 -7.70 -39.04
CA ILE B 268 -25.55 -6.67 -38.60
C ILE B 268 -26.51 -7.16 -37.47
N ASP B 269 -26.78 -8.46 -37.46
CA ASP B 269 -27.66 -9.08 -36.44
C ASP B 269 -26.95 -9.32 -35.09
N GLU B 270 -25.68 -8.89 -34.99
CA GLU B 270 -24.90 -9.06 -33.77
C GLU B 270 -24.35 -7.71 -33.29
N PRO B 271 -25.24 -6.73 -33.01
CA PRO B 271 -24.76 -5.38 -32.69
C PRO B 271 -23.99 -5.38 -31.39
N ALA B 272 -22.85 -4.67 -31.38
CA ALA B 272 -21.93 -4.69 -30.26
C ALA B 272 -21.34 -3.32 -29.92
N LEU B 273 -20.96 -3.17 -28.66
CA LEU B 273 -20.23 -2.00 -28.22
C LEU B 273 -18.70 -2.19 -28.40
N GLU B 274 -18.06 -1.22 -29.03
CA GLU B 274 -16.61 -1.19 -29.14
C GLU B 274 -16.00 -0.59 -27.85
N LEU B 275 -15.26 -1.42 -27.10
CA LEU B 275 -14.68 -0.99 -25.83
C LEU B 275 -13.59 0.08 -25.97
N ALA B 276 -12.90 0.07 -27.10
CA ALA B 276 -11.82 1.01 -27.36
C ALA B 276 -12.30 2.40 -27.79
N GLY B 277 -13.61 2.63 -27.81
CA GLY B 277 -14.17 3.84 -28.36
C GLY B 277 -13.61 4.00 -29.76
N PRO B 278 -13.14 5.22 -30.11
CA PRO B 278 -12.57 5.45 -31.46
C PRO B 278 -11.08 5.03 -31.59
N PHE B 279 -10.47 4.60 -30.49
CA PHE B 279 -9.05 4.27 -30.51
C PHE B 279 -8.75 3.01 -31.34
N VAL B 280 -7.75 3.13 -32.21
CA VAL B 280 -7.18 1.99 -32.91
C VAL B 280 -5.68 2.17 -32.88
N SER B 281 -4.95 1.05 -32.85
CA SER B 281 -3.49 1.09 -32.82
C SER B 281 -3.00 1.66 -34.14
N PRO B 282 -1.94 2.48 -34.11
CA PRO B 282 -1.47 3.03 -35.38
C PRO B 282 -1.00 1.91 -36.31
N PRO B 283 -1.27 2.02 -37.62
CA PRO B 283 -0.82 1.01 -38.57
C PRO B 283 0.71 0.94 -38.73
N GLU B 284 1.20 -0.20 -39.22
CA GLU B 284 2.63 -0.47 -39.36
C GLU B 284 3.41 0.60 -40.15
N LEU C 25 11.38 7.04 42.69
CA LEU C 25 11.76 6.22 41.51
C LEU C 25 12.41 7.12 40.47
N THR C 26 13.46 6.62 39.82
CA THR C 26 14.10 7.33 38.70
C THR C 26 13.05 7.55 37.62
N PRO C 27 12.89 8.82 37.19
CA PRO C 27 11.98 9.14 36.11
C PRO C 27 12.33 8.39 34.81
N ARG C 28 11.31 8.05 34.04
CA ARG C 28 11.49 7.34 32.79
C ARG C 28 10.70 7.98 31.66
N CYS C 29 11.18 7.77 30.44
CA CYS C 29 10.44 8.10 29.26
C CYS C 29 10.09 6.78 28.60
N ILE C 30 8.79 6.47 28.54
CA ILE C 30 8.32 5.25 27.89
C ILE C 30 7.91 5.55 26.44
N ILE C 31 8.63 5.00 25.47
CA ILE C 31 8.33 5.23 24.06
C ILE C 31 7.44 4.12 23.47
N VAL C 32 6.41 4.51 22.73
CA VAL C 32 5.48 3.57 22.17
C VAL C 32 5.25 3.89 20.69
N ARG C 33 5.53 2.93 19.83
CA ARG C 33 5.23 3.06 18.41
C ARG C 33 3.77 2.73 18.13
N ALA C 34 3.13 3.56 17.31
CA ALA C 34 1.78 3.31 16.85
C ALA C 34 1.62 1.85 16.45
N GLY C 35 0.45 1.27 16.68
CA GLY C 35 0.16 -0.09 16.23
C GLY C 35 0.09 -0.19 14.73
N GLN C 36 -0.21 -1.38 14.25
CA GLN C 36 -0.14 -1.74 12.85
C GLN C 36 -1.05 -0.90 11.96
N THR C 37 -0.57 -0.56 10.78
CA THR C 37 -1.41 0.06 9.75
C THR C 37 -1.27 -0.69 8.41
N GLU C 38 -2.06 -0.31 7.42
CA GLU C 38 -1.99 -0.92 6.09
C GLU C 38 -0.59 -0.79 5.53
N TRP C 39 0.03 0.38 5.72
CA TRP C 39 1.37 0.67 5.24
C TRP C 39 2.46 0.04 6.07
N SER C 40 2.28 0.03 7.38
CA SER C 40 3.35 -0.44 8.28
C SER C 40 3.52 -1.94 8.12
N LYS C 41 2.42 -2.66 7.93
CA LYS C 41 2.48 -4.09 7.69
C LYS C 41 3.04 -4.47 6.33
N SER C 42 2.82 -3.64 5.31
CA SER C 42 3.39 -3.89 3.99
C SER C 42 4.78 -3.24 3.76
N GLY C 43 5.29 -2.47 4.74
CA GLY C 43 6.62 -1.83 4.65
C GLY C 43 6.70 -0.45 3.98
N GLN C 44 5.54 0.17 3.76
CA GLN C 44 5.41 1.40 3.02
C GLN C 44 5.62 2.60 3.95
N TYR C 45 6.33 3.62 3.49
CA TYR C 45 6.76 4.68 4.41
C TYR C 45 5.60 5.64 4.74
N THR C 46 5.17 5.64 6.01
CA THR C 46 4.08 6.49 6.45
C THR C 46 4.65 7.63 7.25
N GLY C 47 4.46 8.84 6.75
CA GLY C 47 4.86 10.02 7.47
C GLY C 47 3.62 10.79 7.79
N LEU C 48 3.34 11.78 6.95
CA LEU C 48 2.21 12.67 7.10
C LEU C 48 0.88 12.03 6.76
N THR C 49 0.91 10.99 5.94
CA THR C 49 -0.34 10.32 5.56
C THR C 49 -1.02 9.85 6.82
N ASP C 50 -2.20 10.40 7.07
CA ASP C 50 -2.91 10.11 8.32
C ASP C 50 -3.69 8.77 8.33
N LEU C 51 -2.98 7.66 8.15
CA LEU C 51 -3.59 6.32 8.17
C LEU C 51 -4.17 5.91 9.53
N PRO C 52 -5.29 5.17 9.54
CA PRO C 52 -5.73 4.61 10.82
C PRO C 52 -5.04 3.26 11.10
N LEU C 53 -5.25 2.74 12.31
CA LEU C 53 -4.82 1.41 12.66
C LEU C 53 -5.67 0.44 11.87
N THR C 54 -5.07 -0.62 11.35
CA THR C 54 -5.86 -1.75 10.86
C THR C 54 -6.68 -2.26 12.07
N PRO C 55 -7.77 -3.04 11.83
CA PRO C 55 -8.46 -3.84 12.89
C PRO C 55 -7.54 -4.73 13.70
N TYR C 56 -6.52 -5.33 13.08
CA TYR C 56 -5.53 -6.08 13.84
C TYR C 56 -4.74 -5.17 14.82
N GLY C 57 -4.37 -3.99 14.33
CA GLY C 57 -3.61 -2.99 15.10
C GLY C 57 -4.33 -2.44 16.32
N GLU C 58 -5.66 -2.34 16.25
CA GLU C 58 -6.48 -1.99 17.40
C GLU C 58 -6.46 -3.12 18.43
N GLY C 59 -6.74 -4.34 18.00
CA GLY C 59 -6.65 -5.48 18.89
C GLY C 59 -5.28 -5.58 19.53
N GLN C 60 -4.24 -5.38 18.72
CA GLN C 60 -2.86 -5.50 19.17
C GLN C 60 -2.54 -4.47 20.26
N MSE C 61 -3.00 -3.24 20.08
CA MSE C 61 -2.75 -2.15 21.05
C MSE C 61 -3.60 -2.30 22.32
O MSE C 61 -3.16 -1.87 23.39
CB MSE C 61 -2.96 -0.77 20.41
CG MSE C 61 -1.94 -0.37 19.37
SE MSE C 61 -0.22 -1.28 19.63
CE MSE C 61 0.45 -0.46 21.25
N LEU C 62 -4.77 -2.88 22.19
CA LEU C 62 -5.60 -3.26 23.34
C LEU C 62 -4.95 -4.32 24.25
N ARG C 63 -4.43 -5.38 23.65
CA ARG C 63 -3.71 -6.45 24.37
C ARG C 63 -2.40 -5.95 24.95
N THR C 64 -1.77 -4.98 24.27
CA THR C 64 -0.52 -4.41 24.76
C THR C 64 -0.74 -3.67 26.09
N GLY C 65 -1.80 -2.85 26.13
CA GLY C 65 -2.20 -2.12 27.32
C GLY C 65 -2.62 -3.01 28.47
N GLU C 66 -3.32 -4.11 28.15
CA GLU C 66 -3.65 -5.11 29.18
C GLU C 66 -2.39 -5.76 29.71
N SER C 67 -1.47 -6.12 28.84
CA SER C 67 -0.18 -6.66 29.28
C SER C 67 0.56 -5.71 30.25
N VAL C 68 0.74 -4.45 29.87
CA VAL C 68 1.59 -3.54 30.66
C VAL C 68 0.93 -3.06 31.97
N PHE C 69 -0.38 -2.93 31.98
CA PHE C 69 -1.12 -2.46 33.15
C PHE C 69 -1.72 -3.58 34.00
N ARG C 70 -2.17 -4.64 33.34
CA ARG C 70 -2.97 -5.67 33.99
C ARG C 70 -2.16 -6.93 34.30
N ASN C 71 -2.00 -7.79 33.31
CA ASN C 71 -1.45 -9.12 33.51
C ASN C 71 -0.02 -9.09 34.06
N ASN C 72 0.74 -8.09 33.61
CA ASN C 72 2.02 -7.72 34.22
C ASN C 72 1.79 -6.34 34.76
N GLN C 73 2.71 -5.85 35.59
CA GLN C 73 2.63 -4.46 35.93
C GLN C 73 3.92 -3.74 35.60
N PHE C 74 4.20 -3.67 34.30
CA PHE C 74 5.34 -2.96 33.76
C PHE C 74 5.16 -1.45 33.92
N LEU C 75 3.92 -0.98 33.82
CA LEU C 75 3.58 0.40 34.12
C LEU C 75 2.60 0.54 35.27
N ASN C 76 2.88 1.51 36.15
CA ASN C 76 1.97 1.89 37.21
C ASN C 76 1.30 3.24 36.87
N PRO C 77 -0.04 3.25 36.70
CA PRO C 77 -0.73 4.48 36.29
C PRO C 77 -0.44 5.67 37.21
N ASP C 78 -0.36 5.42 38.52
CA ASP C 78 -0.12 6.46 39.53
C ASP C 78 1.18 7.24 39.28
N ASN C 79 2.13 6.59 38.58
CA ASN C 79 3.42 7.20 38.27
C ASN C 79 3.51 7.94 36.92
N ILE C 80 2.48 7.81 36.09
CA ILE C 80 2.40 8.51 34.82
C ILE C 80 1.89 9.93 35.08
N THR C 81 2.66 10.90 34.63
CA THR C 81 2.35 12.27 34.85
C THR C 81 1.89 12.85 33.51
N TYR C 82 2.70 12.66 32.46
CA TYR C 82 2.46 13.20 31.14
C TYR C 82 2.45 12.12 30.08
N ILE C 83 1.60 12.29 29.07
CA ILE C 83 1.66 11.47 27.85
C ILE C 83 1.80 12.40 26.66
N PHE C 84 2.90 12.28 25.91
CA PHE C 84 3.10 13.09 24.69
C PHE C 84 2.80 12.24 23.48
N THR C 85 2.10 12.79 22.51
CA THR C 85 1.75 12.06 21.29
C THR C 85 1.96 12.85 20.00
N SER C 86 2.41 12.16 18.95
CA SER C 86 2.36 12.70 17.60
C SER C 86 0.93 13.09 17.34
N PRO C 87 0.69 14.10 16.48
CA PRO C 87 -0.69 14.44 16.17
C PRO C 87 -1.39 13.43 15.25
N ARG C 88 -0.64 12.51 14.62
CA ARG C 88 -1.20 11.48 13.72
C ARG C 88 -2.24 10.61 14.42
N LEU C 89 -3.31 10.32 13.69
CA LEU C 89 -4.44 9.50 14.16
C LEU C 89 -4.00 8.13 14.72
N ARG C 90 -3.16 7.40 13.97
CA ARG C 90 -2.58 6.13 14.42
C ARG C 90 -1.85 6.24 15.77
N ALA C 91 -1.12 7.34 16.02
CA ALA C 91 -0.53 7.57 17.34
C ALA C 91 -1.59 7.84 18.43
N ARG C 92 -2.57 8.71 18.13
CA ARG C 92 -3.60 9.06 19.10
C ARG C 92 -4.55 7.88 19.38
N GLN C 93 -4.87 7.11 18.34
CA GLN C 93 -5.63 5.88 18.47
C GLN C 93 -4.88 4.93 19.38
N THR C 94 -3.54 4.91 19.26
CA THR C 94 -2.70 4.02 20.04
C THR C 94 -2.67 4.42 21.54
N VAL C 95 -2.68 5.72 21.82
CA VAL C 95 -2.81 6.22 23.18
C VAL C 95 -4.14 5.71 23.74
N ASP C 96 -5.20 5.87 22.95
CA ASP C 96 -6.55 5.52 23.38
C ASP C 96 -6.62 4.07 23.83
N LEU C 97 -6.15 3.15 22.99
CA LEU C 97 -6.25 1.73 23.28
C LEU C 97 -5.31 1.23 24.41
N VAL C 98 -4.04 1.66 24.39
CA VAL C 98 -3.09 1.28 25.44
C VAL C 98 -3.55 1.74 26.82
N LEU C 99 -4.29 2.87 26.88
CA LEU C 99 -4.75 3.39 28.19
C LEU C 99 -6.16 2.95 28.64
N LYS C 100 -6.84 2.15 27.81
CA LYS C 100 -8.13 1.51 28.14
C LYS C 100 -8.23 0.91 29.56
N PRO C 101 -7.22 0.15 30.03
CA PRO C 101 -7.33 -0.49 31.36
C PRO C 101 -7.42 0.45 32.57
N LEU C 102 -7.10 1.73 32.39
CA LEU C 102 -7.13 2.71 33.47
C LEU C 102 -8.55 3.10 33.85
N SER C 103 -8.71 3.50 35.11
CA SER C 103 -9.97 4.05 35.60
C SER C 103 -10.00 5.54 35.24
N ASP C 104 -11.18 6.15 35.35
CA ASP C 104 -11.36 7.57 35.05
C ASP C 104 -10.59 8.45 36.03
N GLU C 105 -10.43 7.92 37.24
CA GLU C 105 -9.67 8.55 38.31
C GLU C 105 -8.16 8.62 37.99
N GLN C 106 -7.58 7.49 37.60
CA GLN C 106 -6.19 7.44 37.13
C GLN C 106 -5.96 8.36 35.92
N ARG C 107 -6.92 8.37 34.99
CA ARG C 107 -6.88 9.23 33.80
C ARG C 107 -6.88 10.70 34.09
N ALA C 108 -7.63 11.09 35.12
CA ALA C 108 -7.82 12.50 35.56
C ALA C 108 -6.54 13.15 36.04
N LYS C 109 -5.65 12.31 36.55
CA LYS C 109 -4.34 12.68 37.10
C LYS C 109 -3.23 12.53 36.04
N ILE C 110 -3.61 12.28 34.77
CA ILE C 110 -2.64 12.16 33.65
C ILE C 110 -2.93 13.24 32.60
N ARG C 111 -1.90 14.00 32.21
CA ARG C 111 -2.01 15.04 31.20
C ARG C 111 -1.57 14.53 29.80
N VAL C 112 -2.40 14.81 28.79
CA VAL C 112 -2.12 14.36 27.41
C VAL C 112 -1.83 15.54 26.51
N VAL C 113 -0.73 15.48 25.78
CA VAL C 113 -0.25 16.67 25.07
C VAL C 113 0.03 16.31 23.63
N VAL C 114 -0.72 16.87 22.70
CA VAL C 114 -0.41 16.63 21.30
C VAL C 114 0.76 17.54 20.84
N ASP C 115 1.88 16.92 20.40
CA ASP C 115 3.14 17.61 20.04
C ASP C 115 3.57 17.30 18.58
N ASP C 116 3.60 18.35 17.75
CA ASP C 116 3.93 18.26 16.33
C ASP C 116 5.42 17.92 16.11
N ASP C 117 6.28 18.25 17.09
CA ASP C 117 7.68 17.82 17.06
C ASP C 117 7.87 16.30 17.09
N LEU C 118 6.78 15.57 17.38
CA LEU C 118 6.80 14.11 17.49
C LEU C 118 6.26 13.36 16.26
N ARG C 119 5.89 14.10 15.22
CA ARG C 119 5.47 13.48 13.98
C ARG C 119 6.63 12.65 13.38
N GLU C 120 6.28 11.80 12.40
CA GLU C 120 7.27 10.99 11.72
C GLU C 120 8.20 11.84 10.83
N TRP C 121 9.36 11.30 10.50
CA TRP C 121 10.20 11.87 9.45
C TRP C 121 9.31 12.29 8.27
N GLU C 122 9.42 13.53 7.83
CA GLU C 122 8.70 13.88 6.60
C GLU C 122 9.41 13.25 5.42
N TYR C 123 8.78 12.25 4.82
CA TYR C 123 9.39 11.50 3.72
C TYR C 123 9.38 12.22 2.35
N GLY C 124 8.54 13.24 2.20
CA GLY C 124 8.52 13.99 0.97
C GLY C 124 8.25 13.07 -0.18
N ASP C 125 9.18 12.99 -1.12
CA ASP C 125 8.94 12.25 -2.35
C ASP C 125 8.66 10.77 -2.10
N TYR C 126 9.14 10.26 -0.95
CA TYR C 126 9.12 8.83 -0.65
C TYR C 126 7.87 8.38 0.12
N GLU C 127 6.93 9.27 0.33
CA GLU C 127 5.69 8.88 0.98
C GLU C 127 5.00 7.68 0.28
N GLY C 128 4.71 6.65 1.09
CA GLY C 128 3.97 5.44 0.69
C GLY C 128 4.83 4.44 -0.07
N MSE C 129 6.13 4.74 -0.19
CA MSE C 129 7.01 3.84 -0.93
C MSE C 129 7.73 2.79 -0.06
O MSE C 129 7.82 2.94 1.16
CB MSE C 129 7.99 4.64 -1.77
CG MSE C 129 7.39 5.45 -2.91
SE MSE C 129 8.84 6.33 -3.86
CE MSE C 129 9.57 4.89 -4.93
N LEU C 130 8.22 1.72 -0.69
CA LEU C 130 9.11 0.77 -0.05
C LEU C 130 10.58 1.19 -0.20
N THR C 131 11.41 0.73 0.73
CA THR C 131 12.86 0.92 0.64
C THR C 131 13.40 0.58 -0.77
N ARG C 132 13.18 -0.63 -1.25
CA ARG C 132 13.67 -1.04 -2.58
C ARG C 132 13.23 -0.07 -3.69
N GLU C 133 11.99 0.43 -3.60
CA GLU C 133 11.48 1.39 -4.56
C GLU C 133 12.11 2.76 -4.44
N ILE C 134 12.36 3.20 -3.20
CA ILE C 134 13.10 4.44 -2.96
C ILE C 134 14.52 4.37 -3.58
N ILE C 135 15.28 3.31 -3.25
CA ILE C 135 16.59 3.08 -3.86
C ILE C 135 16.56 3.17 -5.39
N GLU C 136 15.52 2.58 -5.99
CA GLU C 136 15.36 2.58 -7.44
C GLU C 136 15.08 3.99 -7.99
N LEU C 137 14.28 4.75 -7.24
CA LEU C 137 13.92 6.10 -7.67
C LEU C 137 15.14 7.02 -7.64
N ARG C 138 15.91 6.93 -6.55
CA ARG C 138 17.15 7.68 -6.38
C ARG C 138 18.22 7.32 -7.41
N LYS C 139 18.33 6.04 -7.73
CA LYS C 139 19.26 5.56 -8.74
C LYS C 139 18.99 6.19 -10.10
N SER C 140 17.70 6.24 -10.44
CA SER C 140 17.22 6.86 -11.69
C SER C 140 17.41 8.38 -11.75
N ARG C 141 17.45 9.02 -10.58
CA ARG C 141 17.75 10.45 -10.49
C ARG C 141 19.26 10.73 -10.46
N GLY C 142 20.05 9.67 -10.57
CA GLY C 142 21.50 9.77 -10.66
C GLY C 142 22.18 9.97 -9.32
N LEU C 143 21.57 9.45 -8.26
CA LEU C 143 22.06 9.62 -6.90
C LEU C 143 22.65 8.32 -6.40
N ASP C 144 23.30 8.38 -5.23
CA ASP C 144 23.87 7.21 -4.55
C ASP C 144 24.94 6.49 -5.40
N LYS C 145 25.69 7.29 -6.18
CA LYS C 145 26.78 6.78 -7.04
C LYS C 145 27.92 6.15 -6.24
N GLU C 146 28.42 6.88 -5.23
CA GLU C 146 29.56 6.43 -4.43
C GLU C 146 29.17 5.47 -3.30
N ARG C 147 28.01 5.71 -2.68
CA ARG C 147 27.55 4.92 -1.52
C ARG C 147 26.01 4.83 -1.47
N PRO C 148 25.47 3.74 -0.90
CA PRO C 148 24.01 3.62 -0.81
C PRO C 148 23.32 4.73 0.01
N TRP C 149 22.09 5.05 -0.37
CA TRP C 149 21.24 5.97 0.39
C TRP C 149 21.12 5.51 1.84
N ASN C 150 21.15 6.47 2.76
CA ASN C 150 21.11 6.21 4.18
C ASN C 150 20.27 7.34 4.74
N ILE C 151 19.01 7.06 5.07
CA ILE C 151 18.08 8.11 5.52
C ILE C 151 18.65 8.94 6.68
N TRP C 152 19.36 8.25 7.58
CA TRP C 152 19.86 8.84 8.84
C TRP C 152 20.93 9.91 8.64
N ARG C 153 21.57 9.84 7.47
CA ARG C 153 22.55 10.79 7.01
C ARG C 153 21.95 11.72 5.94
N ASP C 154 21.14 11.14 5.04
CA ASP C 154 20.74 11.82 3.81
C ASP C 154 19.36 12.48 3.80
N GLY C 155 18.46 12.01 4.67
CA GLY C 155 17.06 12.44 4.63
C GLY C 155 16.33 12.06 3.33
N CYS C 156 15.27 12.81 3.04
CA CYS C 156 14.40 12.50 1.93
C CYS C 156 14.25 13.74 1.03
N GLU C 157 14.47 13.58 -0.29
CA GLU C 157 14.18 14.63 -1.28
C GLU C 157 12.74 15.18 -1.09
N ASN C 158 12.63 16.51 -1.01
CA ASN C 158 11.36 17.22 -0.68
C ASN C 158 10.75 16.84 0.69
N GLY C 159 11.54 16.14 1.51
CA GLY C 159 11.17 15.87 2.88
C GLY C 159 12.20 16.45 3.83
N GLU C 160 12.27 15.91 5.04
CA GLU C 160 13.18 16.39 6.05
C GLU C 160 14.60 15.84 5.92
N THR C 161 15.57 16.69 6.23
CA THR C 161 16.95 16.28 6.38
C THR C 161 17.07 15.65 7.78
N THR C 162 18.23 15.06 8.05
CA THR C 162 18.48 14.43 9.34
C THR C 162 18.62 15.44 10.48
N GLN C 163 19.02 16.67 10.17
CA GLN C 163 19.14 17.73 11.18
C GLN C 163 17.80 18.35 11.56
N GLN C 164 16.91 18.48 10.58
CA GLN C 164 15.56 18.96 10.84
C GLN C 164 14.80 18.07 11.81
N ILE C 165 14.86 16.75 11.61
CA ILE C 165 14.23 15.82 12.55
C ILE C 165 14.98 15.77 13.91
N GLY C 166 16.32 15.74 13.85
CA GLY C 166 17.17 15.75 15.05
C GLY C 166 16.96 16.98 15.92
N LEU C 167 16.62 18.10 15.27
CA LEU C 167 16.31 19.36 15.96
C LEU C 167 14.96 19.35 16.71
N ARG C 168 13.90 18.97 16.02
CA ARG C 168 12.58 18.91 16.65
C ARG C 168 12.49 17.86 17.72
N LEU C 169 13.18 16.73 17.56
CA LEU C 169 13.17 15.66 18.58
C LEU C 169 13.97 16.07 19.82
N SER C 170 15.10 16.76 19.59
CA SER C 170 15.86 17.44 20.64
C SER C 170 15.04 18.42 21.47
N ARG C 171 14.23 19.25 20.82
CA ARG C 171 13.31 20.12 21.57
C ARG C 171 12.33 19.35 22.50
N ALA C 172 11.66 18.31 21.99
CA ALA C 172 10.73 17.46 22.79
C ALA C 172 11.48 16.77 23.96
N ILE C 173 12.72 16.32 23.68
CA ILE C 173 13.55 15.64 24.70
C ILE C 173 13.86 16.60 25.84
N ALA C 174 14.27 17.81 25.51
CA ALA C 174 14.56 18.84 26.48
C ALA C 174 13.32 19.21 27.31
N ARG C 175 12.16 19.31 26.69
CA ARG C 175 10.92 19.48 27.46
C ARG C 175 10.62 18.30 28.39
N ILE C 176 10.83 17.09 27.92
CA ILE C 176 10.53 15.91 28.71
C ILE C 176 11.48 15.79 29.91
N GLN C 177 12.79 15.94 29.66
CA GLN C 177 13.82 15.90 30.72
C GLN C 177 13.73 17.04 31.76
N ASN C 178 13.31 18.23 31.30
CA ASN C 178 13.01 19.36 32.21
C ASN C 178 11.85 19.04 33.17
N LEU C 179 10.76 18.52 32.61
CA LEU C 179 9.65 18.01 33.43
C LEU C 179 10.14 16.97 34.45
N HIS C 180 10.91 15.98 33.97
CA HIS C 180 11.51 14.93 34.82
C HIS C 180 12.29 15.48 36.00
N ARG C 181 13.15 16.47 35.73
N ARG C 181 13.13 16.47 35.71
CA ARG C 181 13.97 17.13 36.74
CA ARG C 181 13.98 17.16 36.70
C ARG C 181 13.11 17.92 37.74
C ARG C 181 13.15 17.95 37.73
N LYS C 182 12.13 18.64 37.23
CA LYS C 182 11.16 19.35 38.05
C LYS C 182 10.38 18.41 39.01
N HIS C 183 10.02 17.23 38.52
CA HIS C 183 9.24 16.24 39.27
C HIS C 183 10.07 15.52 40.31
N GLN C 184 11.29 15.16 39.92
CA GLN C 184 12.24 14.56 40.82
C GLN C 184 12.53 15.54 41.96
N SER C 185 12.64 16.84 41.67
CA SER C 185 12.89 17.84 42.72
C SER C 185 11.68 18.09 43.63
N GLU C 186 10.47 17.86 43.09
CA GLU C 186 9.23 17.87 43.89
C GLU C 186 9.06 16.56 44.63
N GLY C 187 10.03 15.67 44.48
CA GLY C 187 10.02 14.37 45.14
C GLY C 187 9.03 13.37 44.57
N ARG C 188 8.62 13.52 43.32
CA ARG C 188 7.70 12.50 42.77
C ARG C 188 8.25 11.63 41.65
N ALA C 189 7.75 10.38 41.62
CA ALA C 189 7.87 9.52 40.45
C ALA C 189 7.31 10.20 39.18
N SER C 190 7.99 9.97 38.07
CA SER C 190 7.54 10.49 36.80
C SER C 190 7.85 9.57 35.61
N ASP C 191 6.85 8.78 35.20
CA ASP C 191 6.89 8.12 33.91
C ASP C 191 6.20 9.05 32.93
N ILE C 192 6.91 9.39 31.84
CA ILE C 192 6.32 10.18 30.76
C ILE C 192 6.27 9.31 29.53
N MSE C 193 5.11 9.27 28.86
CA MSE C 193 5.02 8.46 27.67
C MSE C 193 5.09 9.26 26.38
O MSE C 193 4.70 10.42 26.29
CB MSE C 193 3.76 7.57 27.70
CG MSE C 193 3.56 6.82 29.04
SE MSE C 193 2.06 5.59 28.99
CE MSE C 193 2.81 4.16 27.90
N VAL C 194 5.62 8.60 25.37
CA VAL C 194 5.76 9.22 24.08
C VAL C 194 5.23 8.25 23.03
N PHE C 195 4.14 8.65 22.37
CA PHE C 195 3.55 7.84 21.31
C PHE C 195 3.86 8.51 20.01
N ALA C 196 4.60 7.79 19.16
CA ALA C 196 4.98 8.35 17.90
C ALA C 196 5.15 7.22 16.88
N HIS C 197 6.29 7.20 16.18
CA HIS C 197 6.44 6.44 14.94
C HIS C 197 7.79 5.75 14.85
N GLY C 198 7.88 4.78 13.94
CA GLY C 198 9.05 3.91 13.83
C GLY C 198 10.40 4.60 13.67
N HIS C 199 10.51 5.52 12.71
CA HIS C 199 11.77 6.27 12.54
C HIS C 199 12.02 7.30 13.66
N ALA C 200 11.03 8.13 13.94
CA ALA C 200 11.16 9.19 14.92
C ALA C 200 11.54 8.68 16.30
N LEU C 201 11.03 7.53 16.71
CA LEU C 201 11.31 7.00 18.07
C LEU C 201 12.67 6.31 18.16
N ARG C 202 13.10 5.68 17.07
CA ARG C 202 14.44 5.11 17.01
C ARG C 202 15.43 6.25 17.09
N TYR C 203 15.15 7.33 16.36
CA TYR C 203 15.95 8.54 16.36
C TYR C 203 15.99 9.16 17.78
N PHE C 204 14.79 9.36 18.33
CA PHE C 204 14.56 9.84 19.69
C PHE C 204 15.40 9.08 20.72
N ALA C 205 15.31 7.74 20.69
CA ALA C 205 16.04 6.89 21.64
C ALA C 205 17.56 7.04 21.48
N ALA C 206 18.03 7.11 20.24
CA ALA C 206 19.46 7.24 19.92
C ALA C 206 20.08 8.50 20.51
N ILE C 207 19.45 9.66 20.29
CA ILE C 207 20.00 10.93 20.77
C ILE C 207 19.83 11.12 22.28
N TRP C 208 18.75 10.59 22.84
CA TRP C 208 18.53 10.55 24.29
C TRP C 208 19.77 10.12 25.08
N PHE C 209 20.39 9.01 24.70
CA PHE C 209 21.53 8.50 25.44
C PHE C 209 22.87 8.83 24.79
N GLY C 210 22.85 9.73 23.80
CA GLY C 210 24.03 10.45 23.38
C GLY C 210 24.66 10.08 22.06
N LEU C 211 23.91 9.37 21.20
CA LEU C 211 24.43 9.05 19.87
C LEU C 211 24.40 10.28 18.94
N GLY C 212 25.10 10.20 17.83
CA GLY C 212 25.11 11.29 16.85
C GLY C 212 26.05 12.41 17.23
N VAL C 213 25.78 13.59 16.69
CA VAL C 213 26.64 14.74 16.88
C VAL C 213 25.89 15.92 17.50
N GLN C 214 26.63 16.69 18.30
CA GLN C 214 26.16 17.95 18.83
C GLN C 214 26.38 19.06 17.82
N LYS C 215 25.34 19.88 17.63
CA LYS C 215 25.41 21.07 16.80
C LYS C 215 24.81 22.23 17.61
N LYS C 216 25.49 23.37 17.60
CA LYS C 216 24.97 24.59 18.18
C LYS C 216 23.79 25.12 17.37
N CYS C 217 22.82 25.73 18.05
CA CYS C 217 21.71 26.39 17.37
C CYS C 217 22.19 27.76 16.91
N GLU C 218 22.32 27.93 15.60
CA GLU C 218 22.92 29.12 15.02
C GLU C 218 22.08 29.76 13.93
N THR C 219 21.52 28.93 13.03
CA THR C 219 20.70 29.42 11.93
C THR C 219 19.31 29.84 12.44
N ILE C 220 18.48 30.38 11.54
CA ILE C 220 17.13 30.84 11.90
C ILE C 220 16.24 29.66 12.31
N GLU C 221 16.26 28.61 11.50
CA GLU C 221 15.51 27.36 11.74
C GLU C 221 15.86 26.72 13.09
N GLU C 222 17.15 26.71 13.40
CA GLU C 222 17.69 26.11 14.62
C GLU C 222 17.35 26.87 15.89
N ILE C 223 16.96 28.14 15.73
CA ILE C 223 16.80 29.04 16.85
C ILE C 223 15.34 29.44 17.12
N GLN C 224 14.49 29.38 16.10
CA GLN C 224 13.10 29.78 16.29
C GLN C 224 12.26 28.83 17.17
N ASN C 225 11.30 29.42 17.88
CA ASN C 225 10.19 28.73 18.50
C ASN C 225 9.15 28.49 17.41
N VAL C 226 8.79 27.23 17.17
CA VAL C 226 7.82 26.95 16.12
C VAL C 226 6.40 26.72 16.61
N LYS C 227 6.23 26.63 17.94
CA LYS C 227 4.90 26.43 18.55
C LYS C 227 4.22 25.13 18.07
N SER C 228 4.88 24.03 18.40
CA SER C 228 4.51 22.68 17.99
C SER C 228 3.50 22.03 18.92
N TYR C 229 3.37 22.55 20.14
CA TYR C 229 2.37 22.04 21.08
C TYR C 229 1.73 23.22 21.76
N ASP C 230 0.58 23.00 22.38
CA ASP C 230 -0.05 24.03 23.16
C ASP C 230 -0.59 23.46 24.47
N ASP C 231 0.28 23.42 25.46
CA ASP C 231 -0.10 23.10 26.83
C ASP C 231 0.78 23.94 27.75
N ASP C 232 0.15 24.82 28.51
CA ASP C 232 0.85 25.78 29.36
C ASP C 232 1.54 25.15 30.57
N THR C 233 1.27 23.87 30.86
CA THR C 233 1.94 23.17 31.97
C THR C 233 3.30 22.55 31.57
N VAL C 234 3.59 22.58 30.26
CA VAL C 234 4.90 22.17 29.75
C VAL C 234 5.78 23.38 29.39
N PRO C 235 6.74 23.72 30.26
CA PRO C 235 7.67 24.80 29.94
C PRO C 235 8.41 24.51 28.62
N TYR C 236 8.41 25.50 27.72
CA TYR C 236 9.22 25.46 26.49
C TYR C 236 10.67 25.64 26.85
N VAL C 237 11.53 24.79 26.31
CA VAL C 237 12.99 24.90 26.54
C VAL C 237 13.73 25.38 25.27
N LYS C 238 14.28 26.60 25.31
CA LYS C 238 15.10 27.13 24.20
C LYS C 238 16.48 26.48 24.19
N LEU C 239 16.73 25.68 23.17
CA LEU C 239 17.99 24.98 23.02
C LEU C 239 19.14 25.93 22.59
N GLU C 240 20.30 25.73 23.18
CA GLU C 240 21.52 26.38 22.72
C GLU C 240 22.22 25.46 21.72
N SER C 241 22.04 24.17 21.93
CA SER C 241 22.51 23.12 21.04
C SER C 241 21.48 22.01 20.96
N TYR C 242 21.57 21.25 19.86
CA TYR C 242 20.75 20.08 19.62
C TYR C 242 21.63 18.95 19.06
N ARG C 243 21.11 17.70 19.15
CA ARG C 243 21.74 16.51 18.58
C ARG C 243 21.02 15.98 17.33
N HIS C 244 21.79 15.46 16.39
CA HIS C 244 21.26 14.76 15.22
C HIS C 244 22.16 13.59 14.87
N LEU C 245 21.62 12.60 14.18
CA LEU C 245 22.37 11.43 13.75
C LEU C 245 23.02 11.66 12.39
N VAL C 246 24.14 10.98 12.13
CA VAL C 246 24.74 11.00 10.81
C VAL C 246 24.80 9.58 10.17
N ASP C 247 24.24 8.57 10.86
CA ASP C 247 24.26 7.16 10.45
C ASP C 247 23.17 6.35 11.18
N ASN C 248 22.96 5.11 10.75
CA ASN C 248 21.94 4.22 11.30
C ASN C 248 22.27 3.90 12.76
N PRO C 249 21.31 4.12 13.68
CA PRO C 249 21.65 3.76 15.07
C PRO C 249 21.57 2.25 15.28
N CYS C 250 20.91 1.54 14.36
CA CYS C 250 20.78 0.07 14.33
C CYS C 250 19.90 -0.44 15.43
N PHE C 251 18.69 0.11 15.46
CA PHE C 251 17.71 -0.19 16.48
C PHE C 251 16.60 -0.97 15.82
N LEU C 252 15.96 -1.87 16.58
CA LEU C 252 14.68 -2.44 16.17
C LEU C 252 13.58 -1.93 17.07
N LEU C 253 12.44 -1.63 16.46
CA LEU C 253 11.19 -1.28 17.18
C LEU C 253 10.01 -1.53 16.26
N ASP C 254 9.31 -2.61 16.53
CA ASP C 254 8.09 -2.93 15.79
C ASP C 254 6.91 -2.06 16.09
N ALA C 255 5.97 -2.03 15.14
CA ALA C 255 4.61 -1.53 15.37
C ALA C 255 4.13 -1.94 16.77
N GLY C 256 3.71 -0.97 17.56
CA GLY C 256 3.23 -1.22 18.93
C GLY C 256 4.29 -1.58 19.95
N GLY C 257 5.57 -1.44 19.56
CA GLY C 257 6.69 -1.73 20.43
C GLY C 257 6.89 -0.68 21.49
N ILE C 258 7.47 -1.07 22.62
CA ILE C 258 7.64 -0.20 23.78
C ILE C 258 9.10 -0.16 24.19
N GLY C 259 9.68 1.03 24.21
CA GLY C 259 11.07 1.21 24.70
C GLY C 259 11.05 2.00 25.99
N VAL C 260 12.16 1.97 26.73
CA VAL C 260 12.26 2.73 27.96
C VAL C 260 13.60 3.46 27.99
N LEU C 261 13.52 4.77 28.20
CA LEU C 261 14.68 5.62 28.32
C LEU C 261 14.65 6.21 29.72
N SER C 262 15.78 6.19 30.41
CA SER C 262 15.81 6.70 31.76
C SER C 262 17.15 7.37 32.01
N TYR C 263 17.65 7.25 33.23
CA TYR C 263 18.85 7.94 33.69
C TYR C 263 19.69 7.00 34.55
N ALA C 264 21.00 7.15 34.48
CA ALA C 264 21.91 6.46 35.41
C ALA C 264 22.06 7.22 36.74
N HIS C 265 22.14 6.49 37.85
CA HIS C 265 22.45 7.08 39.18
C HIS C 265 21.52 8.22 39.60
N HIS C 266 20.21 8.07 39.36
CA HIS C 266 19.17 9.06 39.73
C HIS C 266 19.52 10.48 39.29
N ASN C 267 20.18 10.59 38.14
CA ASN C 267 20.73 11.84 37.68
C ASN C 267 20.29 12.23 36.27
N ILE C 268 19.46 13.26 36.19
CA ILE C 268 18.90 13.73 34.90
C ILE C 268 20.00 14.07 33.87
N ASP C 269 21.19 14.42 34.37
CA ASP C 269 22.35 14.72 33.49
C ASP C 269 23.08 13.47 32.98
N GLU C 270 22.58 12.27 33.34
CA GLU C 270 23.14 11.01 32.86
C GLU C 270 22.07 10.18 32.09
N PRO C 271 21.53 10.73 30.98
CA PRO C 271 20.44 10.00 30.31
C PRO C 271 20.93 8.68 29.73
N ALA C 272 20.14 7.62 29.93
CA ALA C 272 20.51 6.27 29.56
C ALA C 272 19.37 5.48 28.91
N LEU C 273 19.75 4.53 28.07
CA LEU C 273 18.81 3.55 27.53
C LEU C 273 18.64 2.34 28.48
N GLU C 274 17.39 1.99 28.74
CA GLU C 274 17.07 0.79 29.50
C GLU C 274 17.06 -0.42 28.56
N LEU C 275 18.01 -1.35 28.76
CA LEU C 275 18.14 -2.52 27.88
C LEU C 275 16.96 -3.50 27.98
N ALA C 276 16.30 -3.51 29.13
CA ALA C 276 15.18 -4.42 29.37
C ALA C 276 13.85 -3.94 28.79
N GLY C 277 13.88 -2.83 28.05
CA GLY C 277 12.67 -2.18 27.61
C GLY C 277 11.78 -1.98 28.82
N PRO C 278 10.47 -2.33 28.70
CA PRO C 278 9.55 -2.18 29.83
C PRO C 278 9.58 -3.37 30.83
N PHE C 279 10.35 -4.41 30.51
CA PHE C 279 10.42 -5.60 31.37
C PHE C 279 11.06 -5.34 32.74
N VAL C 280 10.37 -5.79 33.79
CA VAL C 280 10.93 -5.82 35.13
C VAL C 280 10.52 -7.14 35.75
N SER C 281 11.37 -7.66 36.63
CA SER C 281 11.11 -8.94 37.27
C SER C 281 9.91 -8.77 38.18
N PRO C 282 9.03 -9.79 38.24
CA PRO C 282 7.86 -9.63 39.14
C PRO C 282 8.32 -9.46 40.58
N PRO C 283 7.64 -8.58 41.36
CA PRO C 283 8.02 -8.41 42.76
C PRO C 283 7.74 -9.66 43.63
N GLU C 284 8.41 -9.73 44.78
CA GLU C 284 8.32 -10.87 45.71
C GLU C 284 6.89 -11.25 46.13
N LEU D 25 -8.41 13.82 -9.86
CA LEU D 25 -8.97 13.09 -11.03
C LEU D 25 -9.66 11.83 -10.55
N THR D 26 -10.82 11.52 -11.14
CA THR D 26 -11.52 10.26 -10.88
C THR D 26 -10.62 9.10 -11.27
N PRO D 27 -10.42 8.15 -10.34
CA PRO D 27 -9.60 6.98 -10.62
C PRO D 27 -10.20 6.15 -11.76
N ARG D 28 -9.32 5.52 -12.53
CA ARG D 28 -9.71 4.73 -13.70
C ARG D 28 -9.00 3.38 -13.68
N CYS D 29 -9.66 2.39 -14.28
CA CYS D 29 -9.03 1.14 -14.61
C CYS D 29 -8.87 1.13 -16.11
N ILE D 30 -7.63 1.07 -16.59
CA ILE D 30 -7.35 0.98 -18.02
C ILE D 30 -7.09 -0.48 -18.42
N ILE D 31 -7.98 -1.05 -19.24
CA ILE D 31 -7.85 -2.44 -19.65
C ILE D 31 -7.13 -2.57 -21.01
N VAL D 32 -6.16 -3.47 -21.07
CA VAL D 32 -5.39 -3.66 -22.30
C VAL D 32 -5.36 -5.14 -22.66
N ARG D 33 -5.81 -5.46 -23.87
CA ARG D 33 -5.69 -6.83 -24.38
C ARG D 33 -4.32 -7.07 -25.01
N ALA D 34 -3.72 -8.21 -24.68
CA ALA D 34 -2.46 -8.61 -25.25
C ALA D 34 -2.47 -8.39 -26.76
N GLY D 35 -1.32 -8.02 -27.33
CA GLY D 35 -1.22 -7.86 -28.76
C GLY D 35 -1.37 -9.17 -29.50
N GLN D 36 -1.26 -9.11 -30.82
CA GLN D 36 -1.53 -10.22 -31.72
C GLN D 36 -0.65 -11.44 -31.45
N THR D 37 -1.24 -12.63 -31.56
CA THR D 37 -0.47 -13.86 -31.54
C THR D 37 -0.85 -14.70 -32.78
N GLU D 38 -0.15 -15.82 -32.97
CA GLU D 38 -0.45 -16.77 -34.02
C GLU D 38 -1.91 -17.22 -33.96
N TRP D 39 -2.39 -17.55 -32.75
CA TRP D 39 -3.76 -17.99 -32.54
C TRP D 39 -4.77 -16.86 -32.60
N SER D 40 -4.42 -15.70 -32.07
CA SER D 40 -5.39 -14.61 -31.98
C SER D 40 -5.74 -14.11 -33.38
N LYS D 41 -4.72 -14.01 -34.24
CA LYS D 41 -4.94 -13.61 -35.63
C LYS D 41 -5.72 -14.63 -36.47
N SER D 42 -5.54 -15.92 -36.20
CA SER D 42 -6.30 -16.97 -36.88
C SER D 42 -7.64 -17.35 -36.19
N GLY D 43 -7.97 -16.73 -35.06
CA GLY D 43 -9.23 -17.02 -34.33
C GLY D 43 -9.25 -18.22 -33.37
N GLN D 44 -8.08 -18.76 -33.04
CA GLN D 44 -7.95 -19.98 -32.26
C GLN D 44 -7.94 -19.64 -30.77
N TYR D 45 -8.58 -20.45 -29.95
CA TYR D 45 -8.81 -20.05 -28.56
C TYR D 45 -7.55 -20.23 -27.71
N THR D 46 -6.98 -19.12 -27.24
CA THR D 46 -5.77 -19.15 -26.42
C THR D 46 -6.11 -18.88 -24.98
N GLY D 47 -5.88 -19.88 -24.14
CA GLY D 47 -6.11 -19.72 -22.73
C GLY D 47 -4.77 -19.83 -22.09
N LEU D 48 -4.51 -21.04 -21.59
CA LEU D 48 -3.32 -21.37 -20.83
C LEU D 48 -2.09 -21.50 -21.74
N THR D 49 -2.32 -21.81 -23.02
CA THR D 49 -1.20 -21.96 -23.93
C THR D 49 -0.39 -20.67 -23.90
N ASP D 50 0.84 -20.79 -23.49
CA ASP D 50 1.70 -19.60 -23.32
C ASP D 50 2.33 -19.09 -24.61
N LEU D 51 1.50 -18.67 -25.57
CA LEU D 51 2.02 -18.13 -26.86
C LEU D 51 2.73 -16.77 -26.75
N PRO D 52 3.77 -16.54 -27.58
CA PRO D 52 4.32 -15.19 -27.59
C PRO D 52 3.57 -14.31 -28.62
N LEU D 53 3.86 -13.01 -28.58
CA LEU D 53 3.39 -12.10 -29.59
C LEU D 53 4.05 -12.45 -30.90
N THR D 54 3.28 -12.44 -32.00
CA THR D 54 3.91 -12.43 -33.31
C THR D 54 4.83 -11.19 -33.36
N PRO D 55 5.82 -11.17 -34.30
CA PRO D 55 6.56 -9.93 -34.66
C PRO D 55 5.67 -8.73 -34.99
N TYR D 56 4.55 -8.93 -35.68
CA TYR D 56 3.61 -7.85 -35.89
C TYR D 56 3.02 -7.32 -34.55
N GLY D 57 2.64 -8.25 -33.65
CA GLY D 57 2.09 -7.93 -32.33
C GLY D 57 3.01 -7.11 -31.44
N GLU D 58 4.31 -7.32 -31.56
CA GLU D 58 5.32 -6.51 -30.87
C GLU D 58 5.33 -5.10 -31.44
N GLY D 59 5.46 -4.98 -32.76
CA GLY D 59 5.39 -3.67 -33.40
C GLY D 59 4.10 -2.95 -33.03
N GLN D 60 2.99 -3.69 -33.05
CA GLN D 60 1.68 -3.11 -32.80
C GLN D 60 1.58 -2.56 -31.37
N MSE D 61 2.11 -3.29 -30.39
CA MSE D 61 2.09 -2.85 -28.99
C MSE D 61 3.06 -1.70 -28.67
O MSE D 61 2.83 -0.90 -27.78
CB MSE D 61 2.32 -4.02 -28.01
CG MSE D 61 1.24 -5.07 -27.97
SE MSE D 61 -0.50 -4.33 -28.49
CE MSE D 61 -0.90 -3.21 -26.95
N LEU D 62 4.15 -1.64 -29.43
CA LEU D 62 5.09 -0.51 -29.40
C LEU D 62 4.48 0.80 -29.90
N ARG D 63 3.80 0.74 -31.04
CA ARG D 63 3.08 1.91 -31.61
C ARG D 63 1.88 2.34 -30.75
N THR D 64 1.24 1.38 -30.08
CA THR D 64 0.14 1.66 -29.17
C THR D 64 0.64 2.49 -27.99
N GLY D 65 1.75 2.07 -27.38
CA GLY D 65 2.35 2.81 -26.25
C GLY D 65 2.83 4.21 -26.63
N GLU D 66 3.39 4.35 -27.83
CA GLU D 66 3.76 5.65 -28.37
C GLU D 66 2.53 6.52 -28.57
N SER D 67 1.48 5.97 -29.16
CA SER D 67 0.20 6.69 -29.28
C SER D 67 -0.34 7.20 -27.92
N VAL D 68 -0.44 6.33 -26.91
CA VAL D 68 -1.09 6.72 -25.65
C VAL D 68 -0.25 7.63 -24.75
N PHE D 69 1.07 7.47 -24.78
CA PHE D 69 1.98 8.29 -23.98
C PHE D 69 2.58 9.47 -24.72
N ARG D 70 2.85 9.30 -26.02
CA ARG D 70 3.63 10.29 -26.78
C ARG D 70 2.75 11.16 -27.67
N ASN D 71 2.41 10.66 -28.85
CA ASN D 71 1.78 11.45 -29.89
C ASN D 71 0.44 12.02 -29.44
N ASN D 72 -0.29 11.24 -28.64
CA ASN D 72 -1.43 11.73 -27.87
C ASN D 72 -1.01 11.63 -26.41
N GLN D 73 -1.77 12.24 -25.52
CA GLN D 73 -1.54 11.93 -24.12
C GLN D 73 -2.80 11.44 -23.46
N PHE D 74 -3.23 10.25 -23.91
CA PHE D 74 -4.36 9.54 -23.33
C PHE D 74 -4.03 9.04 -21.94
N LEU D 75 -2.77 8.69 -21.72
CA LEU D 75 -2.29 8.31 -20.40
C LEU D 75 -1.14 9.20 -19.92
N ASN D 76 -1.22 9.57 -18.65
CA ASN D 76 -0.16 10.30 -17.98
C ASN D 76 0.56 9.35 -16.99
N PRO D 77 1.86 9.11 -17.22
CA PRO D 77 2.61 8.16 -16.39
C PRO D 77 2.54 8.49 -14.90
N ASP D 78 2.62 9.78 -14.56
CA ASP D 78 2.58 10.27 -13.17
C ASP D 78 1.31 9.83 -12.42
N ASN D 79 0.25 9.55 -13.18
CA ASN D 79 -1.02 9.11 -12.60
C ASN D 79 -1.22 7.60 -12.49
N ILE D 80 -0.32 6.82 -13.10
CA ILE D 80 -0.34 5.36 -12.99
C ILE D 80 0.32 4.97 -11.67
N THR D 81 -0.43 4.21 -10.88
CA THR D 81 0.00 3.75 -9.57
C THR D 81 0.34 2.27 -9.67
N TYR D 82 -0.61 1.47 -10.18
CA TYR D 82 -0.47 0.03 -10.30
C TYR D 82 -0.69 -0.47 -11.71
N ILE D 83 0.06 -1.50 -12.09
CA ILE D 83 -0.23 -2.27 -13.33
C ILE D 83 -0.44 -3.71 -12.95
N PHE D 84 -1.62 -4.26 -13.24
CA PHE D 84 -1.90 -5.68 -13.00
C PHE D 84 -1.82 -6.40 -14.32
N THR D 85 -1.23 -7.59 -14.32
CA THR D 85 -1.11 -8.40 -15.55
C THR D 85 -1.42 -9.87 -15.33
N SER D 86 -2.08 -10.48 -16.32
CA SER D 86 -2.12 -11.94 -16.43
C SER D 86 -0.71 -12.45 -16.38
N PRO D 87 -0.51 -13.67 -15.87
CA PRO D 87 0.86 -14.20 -15.86
C PRO D 87 1.35 -14.68 -17.24
N ARG D 88 0.44 -14.77 -18.22
CA ARG D 88 0.79 -15.18 -19.59
C ARG D 88 1.82 -14.25 -20.21
N LEU D 89 2.74 -14.87 -20.95
CA LEU D 89 3.85 -14.20 -21.62
C LEU D 89 3.36 -13.08 -22.55
N ARG D 90 2.36 -13.36 -23.40
CA ARG D 90 1.76 -12.37 -24.28
C ARG D 90 1.24 -11.13 -23.54
N ALA D 91 0.67 -11.32 -22.34
CA ALA D 91 0.27 -10.19 -21.50
C ALA D 91 1.47 -9.40 -20.94
N ARG D 92 2.47 -10.12 -20.45
CA ARG D 92 3.65 -9.48 -19.83
C ARG D 92 4.54 -8.81 -20.90
N GLN D 93 4.63 -9.45 -22.07
CA GLN D 93 5.28 -8.86 -23.22
C GLN D 93 4.58 -7.55 -23.55
N THR D 94 3.25 -7.56 -23.46
CA THR D 94 2.44 -6.39 -23.83
C THR D 94 2.63 -5.22 -22.86
N VAL D 95 2.77 -5.53 -21.57
CA VAL D 95 3.15 -4.52 -20.58
C VAL D 95 4.49 -3.93 -20.97
N ASP D 96 5.45 -4.80 -21.29
CA ASP D 96 6.80 -4.35 -21.59
C ASP D 96 6.79 -3.32 -22.73
N LEU D 97 6.12 -3.64 -23.85
CA LEU D 97 6.15 -2.77 -25.01
C LEU D 97 5.32 -1.49 -24.88
N VAL D 98 4.11 -1.59 -24.32
CA VAL D 98 3.28 -0.41 -24.10
C VAL D 98 3.98 0.60 -23.17
N LEU D 99 4.78 0.10 -22.23
CA LEU D 99 5.45 1.01 -21.27
C LEU D 99 6.85 1.51 -21.67
N LYS D 100 7.35 1.03 -22.81
CA LYS D 100 8.60 1.51 -23.45
C LYS D 100 8.83 3.03 -23.40
N PRO D 101 7.83 3.87 -23.76
CA PRO D 101 8.05 5.33 -23.79
C PRO D 101 8.35 6.01 -22.45
N LEU D 102 8.13 5.32 -21.32
CA LEU D 102 8.40 5.88 -19.99
C LEU D 102 9.89 5.95 -19.69
N SER D 103 10.26 6.89 -18.80
CA SER D 103 11.60 6.98 -18.26
C SER D 103 11.70 6.02 -17.09
N ASP D 104 12.94 5.75 -16.65
CA ASP D 104 13.19 4.86 -15.52
C ASP D 104 12.66 5.45 -14.22
N GLU D 105 12.57 6.77 -14.18
CA GLU D 105 12.03 7.51 -13.05
C GLU D 105 10.52 7.28 -12.91
N GLN D 106 9.80 7.48 -14.02
CA GLN D 106 8.36 7.18 -14.09
C GLN D 106 8.09 5.70 -13.72
N ARG D 107 8.91 4.79 -14.25
CA ARG D 107 8.80 3.34 -13.98
CA ARG D 107 8.83 3.35 -13.99
C ARG D 107 8.94 3.01 -12.51
N ALA D 108 9.85 3.70 -11.83
CA ALA D 108 10.19 3.44 -10.41
C ALA D 108 9.01 3.71 -9.47
N LYS D 109 8.14 4.61 -9.91
CA LYS D 109 6.96 5.08 -9.17
C LYS D 109 5.71 4.26 -9.54
N ILE D 110 5.88 3.21 -10.35
CA ILE D 110 4.78 2.34 -10.79
C ILE D 110 5.01 0.90 -10.31
N ARG D 111 4.02 0.31 -9.62
CA ARG D 111 4.11 -1.08 -9.17
C ARG D 111 3.45 -2.09 -10.14
N VAL D 112 4.18 -3.15 -10.46
CA VAL D 112 3.71 -4.18 -11.40
C VAL D 112 3.40 -5.50 -10.69
N VAL D 113 2.19 -6.00 -10.86
CA VAL D 113 1.76 -7.12 -10.04
C VAL D 113 1.26 -8.23 -10.93
N VAL D 114 1.89 -9.39 -10.89
CA VAL D 114 1.39 -10.53 -11.64
C VAL D 114 0.23 -11.22 -10.86
N ASP D 115 -0.94 -11.28 -11.50
CA ASP D 115 -2.18 -11.81 -10.86
C ASP D 115 -2.81 -12.94 -11.68
N ASP D 116 -2.83 -14.14 -11.10
CA ASP D 116 -3.35 -15.34 -11.72
C ASP D 116 -4.89 -15.27 -11.96
N ASP D 117 -5.59 -14.48 -11.13
CA ASP D 117 -7.03 -14.21 -11.34
C ASP D 117 -7.34 -13.50 -12.66
N LEU D 118 -6.29 -13.02 -13.33
CA LEU D 118 -6.41 -12.31 -14.60
C LEU D 118 -6.09 -13.14 -15.85
N ARG D 119 -5.81 -14.41 -15.68
CA ARG D 119 -5.58 -15.29 -16.82
C ARG D 119 -6.85 -15.38 -17.67
N GLU D 120 -6.71 -15.92 -18.87
CA GLU D 120 -7.85 -16.11 -19.76
C GLU D 120 -8.82 -17.20 -19.22
N TRP D 121 -10.06 -17.18 -19.70
CA TRP D 121 -10.98 -18.32 -19.54
C TRP D 121 -10.22 -19.62 -19.79
N GLU D 122 -10.25 -20.55 -18.85
CA GLU D 122 -9.68 -21.87 -19.12
C GLU D 122 -10.61 -22.63 -20.05
N TYR D 123 -10.18 -22.74 -21.31
CA TYR D 123 -10.97 -23.38 -22.37
C TYR D 123 -11.05 -24.91 -22.31
N GLY D 124 -10.17 -25.54 -21.54
CA GLY D 124 -10.19 -26.98 -21.36
C GLY D 124 -10.11 -27.64 -22.72
N ASP D 125 -11.16 -28.36 -23.09
CA ASP D 125 -11.16 -29.18 -24.30
C ASP D 125 -10.98 -28.31 -25.54
N TYR D 126 -11.37 -27.04 -25.46
CA TYR D 126 -11.42 -26.17 -26.63
C TYR D 126 -10.16 -25.36 -26.88
N GLU D 127 -9.12 -25.63 -26.10
CA GLU D 127 -7.86 -24.98 -26.33
C GLU D 127 -7.35 -25.14 -27.77
N GLY D 128 -7.02 -23.99 -28.38
CA GLY D 128 -6.48 -23.88 -29.74
C GLY D 128 -7.50 -24.06 -30.84
N MSE D 129 -8.78 -24.18 -30.47
CA MSE D 129 -9.83 -24.41 -31.47
C MSE D 129 -10.53 -23.14 -31.98
O MSE D 129 -10.48 -22.11 -31.34
CB MSE D 129 -10.85 -25.44 -30.96
CG MSE D 129 -10.33 -26.88 -30.84
SE MSE D 129 -11.76 -28.09 -30.23
CE MSE D 129 -12.81 -28.23 -31.87
N LEU D 130 -11.17 -23.22 -33.14
CA LEU D 130 -12.07 -22.17 -33.62
C LEU D 130 -13.49 -22.38 -33.10
N THR D 131 -14.24 -21.27 -33.01
CA THR D 131 -15.65 -21.31 -32.71
C THR D 131 -16.42 -22.39 -33.48
N ARG D 132 -16.30 -22.39 -34.81
N ARG D 132 -16.31 -22.39 -34.81
CA ARG D 132 -17.02 -23.35 -35.66
CA ARG D 132 -17.08 -23.36 -35.62
C ARG D 132 -16.68 -24.79 -35.30
C ARG D 132 -16.66 -24.82 -35.42
N GLU D 133 -15.41 -25.04 -35.01
CA GLU D 133 -14.94 -26.35 -34.64
C GLU D 133 -15.45 -26.74 -33.26
N ILE D 134 -15.51 -25.78 -32.33
CA ILE D 134 -16.09 -26.03 -31.00
C ILE D 134 -17.58 -26.44 -31.11
N ILE D 135 -18.38 -25.65 -31.82
CA ILE D 135 -19.75 -26.00 -32.13
C ILE D 135 -19.89 -27.42 -32.69
N GLU D 136 -19.01 -27.78 -33.63
CA GLU D 136 -19.02 -29.11 -34.27
C GLU D 136 -18.69 -30.22 -33.24
N LEU D 137 -17.73 -29.95 -32.36
CA LEU D 137 -17.32 -30.95 -31.37
C LEU D 137 -18.44 -31.22 -30.38
N ARG D 138 -19.05 -30.14 -29.89
CA ARG D 138 -20.18 -30.21 -28.98
C ARG D 138 -21.41 -30.90 -29.60
N LYS D 139 -21.69 -30.61 -30.87
CA LYS D 139 -22.79 -31.25 -31.60
C LYS D 139 -22.62 -32.77 -31.61
N SER D 140 -21.39 -33.21 -31.88
CA SER D 140 -21.03 -34.64 -31.94
C SER D 140 -21.07 -35.32 -30.56
N ARG D 141 -20.95 -34.53 -29.49
CA ARG D 141 -21.07 -35.07 -28.12
C ARG D 141 -22.54 -35.04 -27.65
N GLY D 142 -23.43 -34.63 -28.54
CA GLY D 142 -24.85 -34.64 -28.27
C GLY D 142 -25.33 -33.48 -27.41
N LEU D 143 -24.63 -32.33 -27.53
CA LEU D 143 -24.96 -31.14 -26.77
C LEU D 143 -25.57 -30.08 -27.67
N ASP D 144 -26.09 -29.01 -27.04
CA ASP D 144 -26.65 -27.86 -27.75
C ASP D 144 -27.86 -28.24 -28.62
N LYS D 145 -28.65 -29.20 -28.12
CA LYS D 145 -29.88 -29.68 -28.79
C LYS D 145 -30.98 -28.61 -28.87
N GLU D 146 -31.27 -27.98 -27.73
CA GLU D 146 -32.31 -26.94 -27.65
C GLU D 146 -31.88 -25.54 -28.08
N ARG D 147 -30.62 -25.19 -27.78
CA ARG D 147 -30.11 -23.85 -28.06
C ARG D 147 -28.59 -23.88 -28.32
N PRO D 148 -28.08 -22.95 -29.16
CA PRO D 148 -26.63 -22.94 -29.42
C PRO D 148 -25.78 -22.74 -28.15
N TRP D 149 -24.58 -23.33 -28.17
CA TRP D 149 -23.57 -23.09 -27.13
C TRP D 149 -23.32 -21.59 -26.97
N ASN D 150 -23.15 -21.16 -25.72
CA ASN D 150 -22.91 -19.77 -25.38
C ASN D 150 -21.92 -19.83 -24.25
N ILE D 151 -20.67 -19.47 -24.51
CA ILE D 151 -19.60 -19.60 -23.50
C ILE D 151 -19.95 -18.87 -22.21
N TRP D 152 -20.59 -17.71 -22.34
CA TRP D 152 -20.87 -16.79 -21.23
C TRP D 152 -21.87 -17.35 -20.23
N ARG D 153 -22.64 -18.34 -20.69
CA ARG D 153 -23.60 -19.09 -19.91
C ARG D 153 -23.07 -20.50 -19.60
N ASP D 154 -22.43 -21.12 -20.58
CA ASP D 154 -22.11 -22.56 -20.53
C ASP D 154 -20.70 -22.95 -20.09
N GLY D 155 -19.73 -22.04 -20.25
CA GLY D 155 -18.32 -22.38 -20.05
C GLY D 155 -17.81 -23.39 -21.07
N CYS D 156 -16.75 -24.07 -20.68
CA CYS D 156 -16.06 -25.04 -21.53
C CYS D 156 -15.90 -26.37 -20.81
N GLU D 157 -16.26 -27.47 -21.49
CA GLU D 157 -16.00 -28.85 -21.00
C GLU D 157 -14.53 -29.03 -20.59
N ASN D 158 -14.32 -29.51 -19.37
CA ASN D 158 -12.97 -29.63 -18.78
C ASN D 158 -12.23 -28.28 -18.64
N GLY D 159 -12.97 -27.19 -18.85
CA GLY D 159 -12.47 -25.85 -18.60
C GLY D 159 -13.31 -25.19 -17.52
N GLU D 160 -13.26 -23.86 -17.46
CA GLU D 160 -13.97 -23.09 -16.46
C GLU D 160 -15.43 -22.87 -16.85
N THR D 161 -16.29 -22.89 -15.84
CA THR D 161 -17.68 -22.43 -15.98
C THR D 161 -17.67 -20.91 -15.92
N THR D 162 -18.83 -20.31 -16.19
CA THR D 162 -18.95 -18.85 -16.18
C THR D 162 -18.84 -18.25 -14.78
N GLN D 163 -19.20 -19.02 -13.76
CA GLN D 163 -19.11 -18.57 -12.37
C GLN D 163 -17.68 -18.60 -11.83
N GLN D 164 -16.89 -19.59 -12.25
CA GLN D 164 -15.48 -19.67 -11.87
C GLN D 164 -14.66 -18.49 -12.36
N ILE D 165 -14.87 -18.10 -13.61
CA ILE D 165 -14.22 -16.89 -14.15
C ILE D 165 -14.82 -15.59 -13.56
N GLY D 166 -16.16 -15.54 -13.45
CA GLY D 166 -16.84 -14.41 -12.81
C GLY D 166 -16.41 -14.15 -11.37
N LEU D 167 -16.06 -15.24 -10.67
CA LEU D 167 -15.57 -15.18 -9.29
C LEU D 167 -14.14 -14.62 -9.16
N ARG D 168 -13.21 -15.13 -9.94
CA ARG D 168 -11.83 -14.64 -9.88
C ARG D 168 -11.68 -13.23 -10.40
N LEU D 169 -12.49 -12.83 -11.39
CA LEU D 169 -12.42 -11.47 -11.92
C LEU D 169 -13.04 -10.47 -10.93
N SER D 170 -14.11 -10.90 -10.25
CA SER D 170 -14.68 -10.16 -9.12
C SER D 170 -13.66 -9.91 -8.02
N ARG D 171 -12.86 -10.92 -7.67
CA ARG D 171 -11.83 -10.68 -6.67
C ARG D 171 -10.83 -9.59 -7.09
N ALA D 172 -10.28 -9.67 -8.30
CA ALA D 172 -9.34 -8.66 -8.86
C ALA D 172 -10.00 -7.26 -8.85
N ILE D 173 -11.28 -7.21 -9.23
CA ILE D 173 -12.03 -5.93 -9.31
C ILE D 173 -12.12 -5.27 -7.94
N ALA D 174 -12.48 -6.08 -6.93
CA ALA D 174 -12.55 -5.64 -5.57
C ALA D 174 -11.19 -5.15 -5.08
N ARG D 175 -10.12 -5.86 -5.39
CA ARG D 175 -8.78 -5.33 -5.06
C ARG D 175 -8.44 -4.01 -5.78
N ILE D 176 -8.86 -3.88 -7.03
CA ILE D 176 -8.54 -2.69 -7.81
C ILE D 176 -9.34 -1.49 -7.32
N GLN D 177 -10.64 -1.67 -7.11
CA GLN D 177 -11.51 -0.62 -6.58
C GLN D 177 -11.18 -0.17 -5.12
N ASN D 178 -10.69 -1.12 -4.29
CA ASN D 178 -10.23 -0.83 -2.93
C ASN D 178 -9.01 0.09 -2.97
N LEU D 179 -8.05 -0.26 -3.83
CA LEU D 179 -6.90 0.59 -4.07
C LEU D 179 -7.32 2.00 -4.52
N HIS D 180 -8.23 2.05 -5.49
CA HIS D 180 -8.80 3.31 -6.01
C HIS D 180 -9.37 4.22 -4.91
N ARG D 181 -10.20 3.63 -4.05
CA ARG D 181 -10.78 4.29 -2.90
C ARG D 181 -9.76 4.77 -1.91
N LYS D 182 -8.78 3.92 -1.61
CA LYS D 182 -7.65 4.26 -0.74
C LYS D 182 -6.84 5.46 -1.27
N HIS D 183 -6.65 5.51 -2.60
CA HIS D 183 -5.88 6.57 -3.28
C HIS D 183 -6.64 7.87 -3.37
N GLN D 184 -7.92 7.77 -3.69
CA GLN D 184 -8.81 8.90 -3.74
C GLN D 184 -8.87 9.55 -2.34
N SER D 185 -8.91 8.73 -1.28
CA SER D 185 -8.91 9.27 0.09
C SER D 185 -7.57 9.86 0.54
N GLU D 186 -6.46 9.39 -0.05
CA GLU D 186 -5.13 10.02 0.11
C GLU D 186 -4.99 11.23 -0.79
N GLY D 187 -6.06 11.58 -1.48
CA GLY D 187 -6.07 12.73 -2.39
C GLY D 187 -5.23 12.57 -3.64
N ARG D 188 -4.99 11.34 -4.10
CA ARG D 188 -4.24 11.22 -5.37
C ARG D 188 -5.01 10.63 -6.54
N ALA D 189 -4.60 11.07 -7.74
CA ALA D 189 -4.95 10.41 -8.99
C ALA D 189 -4.50 8.95 -9.00
N SER D 190 -5.33 8.10 -9.59
CA SER D 190 -5.02 6.70 -9.71
C SER D 190 -5.56 6.04 -11.01
N ASP D 191 -4.69 5.94 -12.02
CA ASP D 191 -4.93 5.04 -13.14
C ASP D 191 -4.28 3.71 -12.82
N ILE D 192 -5.09 2.64 -12.88
CA ILE D 192 -4.58 1.29 -12.67
C ILE D 192 -4.78 0.54 -13.97
N MSE D 193 -3.74 -0.14 -14.44
CA MSE D 193 -3.85 -0.85 -15.69
C MSE D 193 -4.03 -2.34 -15.48
O MSE D 193 -3.54 -2.96 -14.51
CB MSE D 193 -2.68 -0.54 -16.63
CG MSE D 193 -2.33 0.95 -16.77
SE MSE D 193 -1.00 1.32 -18.16
CE MSE D 193 -2.02 1.00 -19.79
N VAL D 194 -4.74 -2.93 -16.41
CA VAL D 194 -4.97 -4.34 -16.38
C VAL D 194 -4.67 -4.92 -17.75
N PHE D 195 -3.65 -5.78 -17.79
CA PHE D 195 -3.28 -6.43 -19.03
C PHE D 195 -3.66 -7.87 -18.96
N ALA D 196 -4.54 -8.28 -19.87
CA ALA D 196 -5.06 -9.62 -19.85
C ALA D 196 -5.45 -10.01 -21.27
N HIS D 197 -6.67 -10.55 -21.42
CA HIS D 197 -7.05 -11.32 -22.59
C HIS D 197 -8.45 -11.00 -23.10
N GLY D 198 -8.71 -11.37 -24.35
CA GLY D 198 -9.96 -11.04 -25.03
C GLY D 198 -11.24 -11.37 -24.31
N HIS D 199 -11.38 -12.61 -23.83
CA HIS D 199 -12.60 -13.00 -23.07
C HIS D 199 -12.63 -12.42 -21.67
N ALA D 200 -11.55 -12.61 -20.92
CA ALA D 200 -11.46 -12.16 -19.53
C ALA D 200 -11.71 -10.66 -19.38
N LEU D 201 -11.24 -9.85 -20.32
CA LEU D 201 -11.39 -8.38 -20.20
C LEU D 201 -12.77 -7.88 -20.58
N ARG D 202 -13.40 -8.56 -21.53
CA ARG D 202 -14.78 -8.26 -21.89
C ARG D 202 -15.67 -8.60 -20.71
N TYR D 203 -15.37 -9.73 -20.07
CA TYR D 203 -16.07 -10.21 -18.89
C TYR D 203 -15.89 -9.21 -17.73
N PHE D 204 -14.62 -8.90 -17.43
CA PHE D 204 -14.18 -7.89 -16.49
C PHE D 204 -14.95 -6.55 -16.67
N ALA D 205 -14.97 -6.03 -17.89
CA ALA D 205 -15.61 -4.75 -18.19
C ALA D 205 -17.12 -4.82 -17.91
N ALA D 206 -17.74 -5.95 -18.29
CA ALA D 206 -19.18 -6.17 -18.11
C ALA D 206 -19.63 -6.14 -16.65
N ILE D 207 -18.93 -6.87 -15.78
CA ILE D 207 -19.32 -6.95 -14.35
C ILE D 207 -18.93 -5.69 -13.56
N TRP D 208 -17.82 -5.05 -13.95
CA TRP D 208 -17.44 -3.74 -13.43
C TRP D 208 -18.62 -2.76 -13.30
N PHE D 209 -19.37 -2.57 -14.38
CA PHE D 209 -20.44 -1.59 -14.37
C PHE D 209 -21.82 -2.21 -14.20
N GLY D 210 -21.84 -3.48 -13.77
CA GLY D 210 -23.02 -4.07 -13.17
C GLY D 210 -23.83 -5.05 -13.99
N LEU D 211 -23.27 -5.56 -15.09
CA LEU D 211 -23.96 -6.60 -15.86
C LEU D 211 -23.93 -7.95 -15.13
N GLY D 212 -24.76 -8.89 -15.60
CA GLY D 212 -24.81 -10.22 -15.02
C GLY D 212 -25.61 -10.27 -13.73
N VAL D 213 -25.32 -11.29 -12.92
CA VAL D 213 -26.07 -11.55 -11.68
C VAL D 213 -25.14 -11.58 -10.47
N GLN D 214 -25.68 -11.13 -9.35
CA GLN D 214 -25.05 -11.23 -8.05
C GLN D 214 -25.31 -12.62 -7.41
N LYS D 215 -24.24 -13.20 -6.89
CA LYS D 215 -24.31 -14.47 -6.17
C LYS D 215 -23.50 -14.25 -4.89
N LYS D 216 -24.08 -14.68 -3.77
CA LYS D 216 -23.37 -14.74 -2.49
C LYS D 216 -22.25 -15.78 -2.53
N CYS D 217 -21.17 -15.52 -1.83
CA CYS D 217 -20.10 -16.50 -1.69
C CYS D 217 -20.49 -17.46 -0.56
N GLU D 218 -20.80 -18.70 -0.94
CA GLU D 218 -21.36 -19.68 -0.03
C GLU D 218 -20.59 -21.00 -0.02
N THR D 219 -20.23 -21.47 -1.21
CA THR D 219 -19.52 -22.75 -1.35
C THR D 219 -18.03 -22.60 -0.95
N ILE D 220 -17.29 -23.71 -0.93
CA ILE D 220 -15.89 -23.69 -0.54
C ILE D 220 -15.05 -22.89 -1.54
N GLU D 221 -15.28 -23.16 -2.83
CA GLU D 221 -14.61 -22.45 -3.95
C GLU D 221 -14.84 -20.93 -3.92
N GLU D 222 -16.09 -20.57 -3.66
CA GLU D 222 -16.52 -19.16 -3.60
C GLU D 222 -15.95 -18.38 -2.40
N ILE D 223 -15.48 -19.11 -1.40
CA ILE D 223 -15.10 -18.51 -0.14
C ILE D 223 -13.59 -18.56 0.13
N GLN D 224 -12.89 -19.51 -0.47
CA GLN D 224 -11.46 -19.64 -0.21
C GLN D 224 -10.60 -18.50 -0.81
N ASN D 225 -9.52 -18.19 -0.11
CA ASN D 225 -8.44 -17.35 -0.61
C ASN D 225 -7.50 -18.28 -1.39
N VAL D 226 -7.34 -18.05 -2.69
CA VAL D 226 -6.53 -18.96 -3.51
C VAL D 226 -5.06 -18.54 -3.67
N LYS D 227 -4.73 -17.32 -3.23
CA LYS D 227 -3.35 -16.78 -3.32
C LYS D 227 -2.85 -16.70 -4.78
N SER D 228 -3.56 -15.87 -5.55
CA SER D 228 -3.36 -15.70 -6.99
C SER D 228 -2.27 -14.67 -7.31
N TYR D 229 -1.94 -13.81 -6.35
CA TYR D 229 -0.89 -12.82 -6.54
C TYR D 229 -0.07 -12.78 -5.27
N ASP D 230 1.10 -12.19 -5.36
CA ASP D 230 1.92 -11.99 -4.19
C ASP D 230 2.54 -10.61 -4.26
N ASP D 231 1.81 -9.64 -3.74
CA ASP D 231 2.35 -8.30 -3.53
C ASP D 231 1.66 -7.78 -2.28
N ASP D 232 2.46 -7.52 -1.25
CA ASP D 232 1.95 -7.11 0.08
C ASP D 232 1.39 -5.69 0.11
N THR D 233 1.60 -4.91 -0.96
CA THR D 233 1.02 -3.56 -1.05
C THR D 233 -0.43 -3.55 -1.59
N VAL D 234 -0.89 -4.71 -2.05
CA VAL D 234 -2.28 -4.88 -2.48
C VAL D 234 -3.11 -5.65 -1.44
N PRO D 235 -3.90 -4.94 -0.65
CA PRO D 235 -4.78 -5.63 0.31
C PRO D 235 -5.73 -6.63 -0.38
N TYR D 236 -5.76 -7.85 0.15
CA TYR D 236 -6.69 -8.88 -0.30
C TYR D 236 -8.08 -8.51 0.20
N VAL D 237 -9.08 -8.58 -0.68
CA VAL D 237 -10.47 -8.31 -0.33
C VAL D 237 -11.34 -9.60 -0.31
N LYS D 238 -11.76 -10.06 0.87
CA LYS D 238 -12.65 -11.22 0.98
C LYS D 238 -14.08 -10.84 0.60
N LEU D 239 -14.53 -11.40 -0.52
CA LEU D 239 -15.85 -11.13 -1.05
C LEU D 239 -16.95 -11.84 -0.25
N GLU D 240 -18.04 -11.12 0.00
CA GLU D 240 -19.25 -11.73 0.56
C GLU D 240 -20.16 -12.14 -0.59
N SER D 241 -20.06 -11.42 -1.70
CA SER D 241 -20.73 -11.74 -2.95
C SER D 241 -19.82 -11.41 -4.14
N TYR D 242 -20.11 -12.07 -5.26
CA TYR D 242 -19.43 -11.84 -6.52
C TYR D 242 -20.47 -11.80 -7.66
N ARG D 243 -20.08 -11.23 -8.80
CA ARG D 243 -20.88 -11.18 -10.03
C ARG D 243 -20.34 -12.11 -11.13
N HIS D 244 -21.26 -12.65 -11.92
CA HIS D 244 -20.94 -13.46 -13.09
C HIS D 244 -21.96 -13.19 -14.17
N LEU D 245 -21.60 -13.47 -15.41
CA LEU D 245 -22.52 -13.29 -16.55
C LEU D 245 -23.30 -14.57 -16.82
N VAL D 246 -24.46 -14.44 -17.43
CA VAL D 246 -25.23 -15.60 -17.88
C VAL D 246 -25.50 -15.54 -19.41
N ASP D 247 -24.94 -14.53 -20.09
CA ASP D 247 -25.15 -14.30 -21.51
C ASP D 247 -24.05 -13.36 -22.07
N ASN D 248 -24.02 -13.21 -23.38
CA ASN D 248 -23.02 -12.43 -24.09
C ASN D 248 -23.16 -10.95 -23.76
N PRO D 249 -22.08 -10.29 -23.29
CA PRO D 249 -22.25 -8.87 -23.01
C PRO D 249 -22.26 -8.03 -24.29
N CYS D 250 -21.77 -8.61 -25.37
CA CYS D 250 -21.80 -8.03 -26.73
C CYS D 250 -20.84 -6.89 -26.84
N PHE D 251 -19.61 -7.18 -26.46
CA PHE D 251 -18.52 -6.21 -26.46
C PHE D 251 -17.58 -6.57 -27.58
N LEU D 252 -16.91 -5.56 -28.15
CA LEU D 252 -15.76 -5.80 -29.03
C LEU D 252 -14.52 -5.27 -28.34
N LEU D 253 -13.44 -6.05 -28.45
CA LEU D 253 -12.10 -5.66 -27.98
C LEU D 253 -11.07 -6.46 -28.75
N ASP D 254 -10.43 -5.79 -29.69
CA ASP D 254 -9.38 -6.41 -30.48
C ASP D 254 -8.08 -6.60 -29.71
N ALA D 255 -7.25 -7.50 -30.24
CA ALA D 255 -5.86 -7.65 -29.81
C ALA D 255 -5.24 -6.26 -29.69
N GLY D 256 -4.65 -5.98 -28.52
CA GLY D 256 -4.00 -4.69 -28.25
C GLY D 256 -4.94 -3.53 -28.00
N GLY D 257 -6.24 -3.85 -27.84
CA GLY D 257 -7.28 -2.86 -27.62
C GLY D 257 -7.27 -2.35 -26.19
N ILE D 258 -7.74 -1.12 -26.02
CA ILE D 258 -7.69 -0.44 -24.73
C ILE D 258 -9.08 0.03 -24.33
N GLY D 259 -9.53 -0.39 -23.16
CA GLY D 259 -10.82 0.09 -22.64
C GLY D 259 -10.57 0.89 -21.37
N VAL D 260 -11.57 1.65 -20.95
CA VAL D 260 -11.46 2.43 -19.73
C VAL D 260 -12.73 2.24 -18.90
N LEU D 261 -12.51 1.87 -17.64
CA LEU D 261 -13.57 1.72 -16.67
C LEU D 261 -13.30 2.70 -15.55
N SER D 262 -14.33 3.40 -15.11
CA SER D 262 -14.12 4.42 -14.09
C SER D 262 -15.37 4.47 -13.22
N TYR D 263 -15.72 5.68 -12.79
CA TYR D 263 -16.81 5.88 -11.79
C TYR D 263 -17.61 7.10 -12.18
N ALA D 264 -18.90 7.08 -11.87
CA ALA D 264 -19.76 8.27 -12.00
C ALA D 264 -19.67 9.17 -10.74
N HIS D 265 -19.68 10.49 -10.94
CA HIS D 265 -19.74 11.45 -9.80
C HIS D 265 -18.66 11.25 -8.74
N HIS D 266 -17.42 10.99 -9.15
CA HIS D 266 -16.25 10.83 -8.23
C HIS D 266 -16.52 9.84 -7.11
N ASN D 267 -17.30 8.81 -7.41
CA ASN D 267 -17.79 7.91 -6.38
C ASN D 267 -17.50 6.43 -6.70
N ILE D 268 -16.57 5.86 -5.94
CA ILE D 268 -16.19 4.46 -6.08
C ILE D 268 -17.38 3.47 -6.06
N ASP D 269 -18.46 3.84 -5.38
CA ASP D 269 -19.69 3.03 -5.32
C ASP D 269 -20.57 3.18 -6.59
N GLU D 270 -20.11 3.96 -7.56
CA GLU D 270 -20.85 4.14 -8.81
C GLU D 270 -19.99 3.73 -10.02
N PRO D 271 -19.52 2.46 -10.06
CA PRO D 271 -18.61 2.07 -11.16
C PRO D 271 -19.30 2.16 -12.51
N ALA D 272 -18.57 2.70 -13.49
CA ALA D 272 -19.11 2.97 -14.81
C ALA D 272 -18.12 2.64 -15.95
N LEU D 273 -18.70 2.39 -17.13
CA LEU D 273 -17.93 2.23 -18.34
C LEU D 273 -17.74 3.58 -19.05
N GLU D 274 -16.49 3.88 -19.40
CA GLU D 274 -16.17 5.05 -20.20
C GLU D 274 -16.39 4.71 -21.69
N LEU D 275 -17.37 5.36 -22.32
CA LEU D 275 -17.72 5.08 -23.71
C LEU D 275 -16.64 5.49 -24.71
N ALA D 276 -15.83 6.49 -24.35
CA ALA D 276 -14.78 6.99 -25.24
C ALA D 276 -13.49 6.16 -25.21
N GLY D 277 -13.51 5.04 -24.48
CA GLY D 277 -12.32 4.27 -24.24
C GLY D 277 -11.27 5.20 -23.70
N PRO D 278 -10.03 5.13 -24.23
CA PRO D 278 -8.96 6.01 -23.75
C PRO D 278 -8.96 7.43 -24.37
N PHE D 279 -9.86 7.67 -25.34
CA PHE D 279 -9.91 8.95 -26.04
C PHE D 279 -10.35 10.10 -25.15
N VAL D 280 -9.59 11.19 -25.19
CA VAL D 280 -9.98 12.46 -24.58
C VAL D 280 -9.62 13.54 -25.60
N SER D 281 -10.41 14.61 -25.62
CA SER D 281 -10.15 15.73 -26.51
C SER D 281 -8.83 16.39 -26.12
N PRO D 282 -8.03 16.83 -27.13
CA PRO D 282 -6.76 17.45 -26.75
C PRO D 282 -7.00 18.71 -25.94
N PRO D 283 -6.16 18.98 -24.93
CA PRO D 283 -6.33 20.20 -24.13
C PRO D 283 -6.05 21.50 -24.92
N GLU D 284 -6.55 22.62 -24.41
CA GLU D 284 -6.46 23.93 -25.07
C GLU D 284 -5.03 24.37 -25.43
C4 OI7 E . 28.60 -3.38 39.65
C5 OI7 E . 28.00 -3.19 38.29
C6 OI7 E . 28.55 -1.85 37.86
C7 OI7 E . 27.51 -0.77 37.80
O7 OI7 E . 28.18 0.45 37.89
O6 OI7 E . 29.48 -1.44 38.80
O5 OI7 E . 28.37 -4.26 37.39
O4 OI7 E . 27.76 -3.36 40.73
C3 OI7 E . 29.42 -4.67 39.44
O3 OI7 E . 30.88 -4.47 39.42
C2 OI7 E . 28.83 -5.38 38.19
O2 OI7 E . 29.83 -6.12 37.62
C1 OI7 E . 27.74 -6.36 38.50
O1 OI7 E . 28.24 -7.65 38.38
P1 OI7 E . 27.31 -8.92 38.50
O1P OI7 E . 26.56 -8.98 39.84
O3P OI7 E . 28.28 -10.12 38.34
O2P OI7 E . 26.25 -8.88 37.38
P2 OI7 E . 27.76 1.68 37.00
O5P OI7 E . 28.46 2.98 37.52
O4P OI7 E . 26.21 1.76 37.04
O6P OI7 E . 28.25 1.50 35.53
MG MG F . 27.42 -10.07 42.33
NA NA G . 30.08 -20.50 15.97
C1 EDO H . 38.53 -16.64 34.79
O1 EDO H . 37.17 -17.01 35.07
C2 EDO H . 39.48 -16.84 35.96
O2 EDO H . 40.44 -17.88 35.64
C1 EDO I . 18.90 -5.29 43.03
O1 EDO I . 18.39 -6.51 42.47
C2 EDO I . 20.36 -5.03 42.61
O2 EDO I . 21.17 -6.20 42.82
C1 GOL J . 18.45 -28.46 36.45
O1 GOL J . 19.12 -28.55 35.22
C2 GOL J . 17.02 -28.96 36.32
O2 GOL J . 16.97 -30.33 36.65
C3 GOL J . 16.08 -28.15 37.21
O3 GOL J . 14.77 -28.17 36.70
C4 OI7 K . -26.59 16.81 -18.19
C5 OI7 K . -26.17 15.46 -18.67
C6 OI7 K . -26.65 14.53 -17.57
C7 OI7 K . -25.55 13.93 -16.77
O7 OI7 K . -26.11 13.53 -15.57
O6 OI7 K . -27.38 15.28 -16.66
O5 OI7 K . -26.77 15.14 -19.95
O4 OI7 K . -25.60 17.67 -17.83
C3 OI7 K . -27.52 17.27 -19.33
O3 OI7 K . -28.95 17.31 -18.98
C2 OI7 K . -27.18 16.38 -20.56
O2 OI7 K . -28.31 16.29 -21.34
C1 OI7 K . -26.12 16.93 -21.49
O1 OI7 K . -26.74 17.49 -22.61
P1 OI7 K . -25.94 18.07 -23.83
O1P OI7 K . -25.02 19.23 -23.38
O3P OI7 K . -27.00 18.55 -24.84
O2P OI7 K . -25.06 16.98 -24.43
P2 OI7 K . -25.67 12.20 -14.89
O5P OI7 K . -26.17 12.16 -13.40
O4P OI7 K . -24.10 12.12 -15.03
O6P OI7 K . -26.33 11.00 -15.64
MG MG L . -25.75 22.30 -23.31
NA NA M . -22.87 19.25 -23.99
C1 EDO N . -37.87 19.70 -30.41
O1 EDO N . -36.92 19.00 -31.25
C2 EDO N . -39.30 19.67 -30.95
O2 EDO N . -39.77 18.31 -30.91
C4 OI7 O . 8.38 2.28 7.93
C5 OI7 O . 9.26 2.28 9.14
C6 OI7 O . 10.65 2.24 8.56
C7 OI7 O . 11.35 0.94 8.78
O7 OI7 O . 12.38 0.88 7.85
O6 OI7 O . 10.57 2.39 7.19
O5 OI7 O . 9.02 3.47 9.95
O4 OI7 O . 7.61 1.17 7.72
C3 OI7 O . 7.62 3.61 8.08
O3 OI7 O . 8.03 4.67 7.12
C2 OI7 O . 7.75 4.00 9.58
O2 OI7 O . 7.65 5.38 9.69
C1 OI7 O . 6.66 3.50 10.49
O1 OI7 O . 5.73 4.51 10.72
P1 OI7 O . 4.53 4.37 11.71
O1P OI7 O . 3.51 3.29 11.31
O3P OI7 O . 3.85 5.76 11.71
O2P OI7 O . 5.07 3.99 13.09
P2 OI7 O . 13.80 0.32 8.23
O5P OI7 O . 14.62 0.03 6.93
O4P OI7 O . 13.58 -0.95 9.12
O6P OI7 O . 14.62 1.38 9.03
MG MG P . 1.26 3.51 9.48
NA NA Q . 2.84 1.66 12.71
NA NA R . -4.46 1.28 7.92
C1 EDO S . 2.52 18.52 9.81
O1 EDO S . 1.84 19.66 9.26
C2 EDO S . 1.53 17.78 10.69
O2 EDO S . 2.21 17.08 11.75
C1 EDO T . 14.70 -4.70 -6.78
O1 EDO T . 14.33 -3.33 -6.93
C2 EDO T . 14.31 -5.22 -5.38
O2 EDO T . 13.32 -6.24 -5.49
C4 OI7 U . -10.21 -15.71 -29.03
C5 OI7 U . -10.91 -14.56 -28.40
C6 OI7 U . -12.38 -14.94 -28.50
C7 OI7 U . -13.15 -14.12 -29.47
O7 OI7 U . -14.28 -14.87 -29.82
O6 OI7 U . -12.45 -16.25 -28.95
O5 OI7 U . -10.48 -14.34 -27.04
O4 OI7 U . -9.57 -15.47 -30.21
C3 OI7 U . -9.32 -16.19 -27.86
O3 OI7 U . -9.75 -17.47 -27.27
C2 OI7 U . -9.21 -14.99 -26.86
O2 OI7 U . -8.99 -15.50 -25.61
C1 OI7 U . -8.06 -14.05 -27.10
O1 OI7 U . -7.04 -14.34 -26.18
P1 OI7 U . -5.75 -13.47 -26.04
O1P OI7 U . -4.90 -13.45 -27.33
O3P OI7 U . -4.95 -14.13 -24.89
O2P OI7 U . -6.13 -12.03 -25.71
P2 OI7 U . -15.69 -14.18 -29.98
O5P OI7 U . -16.70 -15.17 -30.64
O4P OI7 U . -15.46 -12.87 -30.80
O6P OI7 U . -16.28 -13.84 -28.57
MG MG V . -2.93 -15.39 -28.28
NA NA W . -4.17 -11.59 -28.33
C1 EDO X . -2.21 -20.84 -14.93
O1 EDO X . -2.28 -19.43 -14.75
C2 EDO X . -2.72 -21.61 -13.73
O2 EDO X . -1.83 -22.71 -13.49
C1 EDO Y . 9.99 -21.40 -3.24
O1 EDO Y . 10.99 -22.42 -2.87
C2 EDO Y . 8.61 -22.04 -3.36
O2 EDO Y . 8.74 -23.43 -3.65
C1 EDO Z . -19.09 15.24 -9.79
O1 EDO Z . -20.32 15.04 -9.06
C2 EDO Z . -19.37 14.98 -11.27
O2 EDO Z . -18.41 14.08 -11.81
#